data_5VVT
#
_entry.id   5VVT
#
_cell.length_a   82.363
_cell.length_b   95.793
_cell.length_c   89.323
_cell.angle_alpha   90.00
_cell.angle_beta   114.51
_cell.angle_gamma   90.00
#
_symmetry.space_group_name_H-M   'P 1 21 1'
#
loop_
_entity.id
_entity.type
_entity.pdbx_description
1 polymer 'Protein O-GlcNAcase'
2 polymer 'ELK1 peptide'
3 non-polymer 2-acetamido-2-deoxy-beta-D-glucopyranose
4 water water
#
loop_
_entity_poly.entity_id
_entity_poly.type
_entity_poly.pdbx_seq_one_letter_code
_entity_poly.pdbx_strand_id
1 'polypeptide(L)'
;HFLCGVVEGFYGRPWVMEQRKELFRRLQKWELNTYLYAPKDDYKHRMFWREMYSVEEAEQLMTLISAAREYEIEFIYAIS
PGLDITFSNPKEVSTLKRKLDQVSQFGCRSFALLFDNIDHNMCAADKEVFSSFAHAQVSITNEIYQYLGEPETFLFCPTE
YCGTFCYPNVSQSPYLRTVGEKLLPGIEVLWTGPKVVSKEIPVESIEEVSKIIKRAPVIWDNIHANDYDQKRLFLGPYKG
RSTELIPRLKGVLTNPNCEFEANYVAIHTLATWYKSNMNGVRKDVVMTDSEDSTVSIQIKLENEGSDEDIETDVLYSPQM
ALKLALTEWLQEFGVPHQYSSRGGGGSGGGGSVTLEDLQLLADLFYLPYEHGPKGAQMLREFQWLRANSSVVSVNCKGKD
SEKIEEWRSRAAKFEEMCGLVMGMFTRLSNCANRTILYDMYSYVWDIKSIMSMVKSFVQWLGCRSHSSAQFLIGDQEPWA
FRGGLAGEFQRLLPIDGANDLFFQ
;
A,C
2 'polypeptide(L)' FWSTLSPI B,D
#
# COMPACT_ATOMS: atom_id res chain seq x y z
N HIS A 1 -5.14 23.22 -29.94
CA HIS A 1 -4.49 23.58 -28.63
C HIS A 1 -3.74 22.46 -27.88
N PHE A 2 -2.70 22.89 -27.18
CA PHE A 2 -1.72 22.07 -26.52
C PHE A 2 -2.27 21.44 -25.25
N LEU A 3 -2.11 20.13 -25.15
CA LEU A 3 -2.73 19.37 -24.08
C LEU A 3 -1.87 19.22 -22.83
N CYS A 4 -2.34 19.74 -21.72
CA CYS A 4 -1.56 19.56 -20.50
C CYS A 4 -2.37 19.13 -19.29
N GLY A 5 -1.99 18.00 -18.69
CA GLY A 5 -2.72 17.48 -17.52
C GLY A 5 -2.20 16.16 -16.98
N VAL A 6 -3.12 15.35 -16.48
CA VAL A 6 -2.80 14.04 -15.92
C VAL A 6 -3.37 12.89 -16.79
N VAL A 7 -2.65 11.75 -16.82
CA VAL A 7 -3.20 10.48 -17.24
C VAL A 7 -3.20 9.56 -16.05
N GLU A 8 -4.40 9.04 -15.73
CA GLU A 8 -4.60 7.93 -14.80
C GLU A 8 -4.24 6.71 -15.61
N GLY A 9 -2.96 6.39 -15.69
CA GLY A 9 -2.51 5.28 -16.50
C GLY A 9 -1.58 4.28 -15.84
N PHE A 10 -1.81 3.98 -14.56
CA PHE A 10 -0.90 3.08 -13.83
C PHE A 10 -1.53 1.76 -13.40
N TYR A 11 -0.70 0.75 -13.23
CA TYR A 11 -1.17 -0.50 -12.65
C TYR A 11 -1.61 -0.36 -11.20
N GLY A 12 -2.52 -1.24 -10.79
CA GLY A 12 -3.02 -1.31 -9.41
C GLY A 12 -4.41 -0.73 -9.28
N ARG A 13 -4.84 -0.59 -8.03
CA ARG A 13 -6.12 0.03 -7.70
C ARG A 13 -6.30 1.38 -8.42
N PRO A 14 -7.32 1.54 -9.26
CA PRO A 14 -7.60 2.87 -9.80
C PRO A 14 -8.36 3.76 -8.82
N TRP A 15 -8.04 5.05 -8.88
CA TRP A 15 -8.72 6.13 -8.16
C TRP A 15 -10.19 5.97 -8.36
N VAL A 16 -10.92 6.41 -7.36
CA VAL A 16 -12.38 6.40 -7.42
C VAL A 16 -12.92 7.71 -7.99
N MET A 17 -14.23 7.80 -8.21
CA MET A 17 -14.86 8.93 -8.93
C MET A 17 -14.80 10.20 -8.11
N GLU A 18 -15.02 10.08 -6.81
CA GLU A 18 -14.93 11.23 -5.93
C GLU A 18 -13.50 11.75 -5.85
N GLN A 19 -12.53 10.90 -6.17
CA GLN A 19 -11.13 11.35 -6.29
C GLN A 19 -10.86 11.98 -7.65
N ARG A 20 -11.41 11.37 -8.69
CA ARG A 20 -11.22 11.88 -10.05
C ARG A 20 -11.81 13.29 -10.16
N LYS A 21 -12.97 13.48 -9.56
CA LYS A 21 -13.65 14.74 -9.69
C LYS A 21 -12.92 15.85 -8.91
N GLU A 22 -12.31 15.47 -7.77
CA GLU A 22 -11.37 16.35 -7.05
C GLU A 22 -10.13 16.67 -7.90
N LEU A 23 -9.67 15.68 -8.68
CA LEU A 23 -8.62 15.94 -9.62
C LEU A 23 -9.06 17.04 -10.58
N PHE A 24 -10.29 16.94 -11.07
CA PHE A 24 -10.79 17.94 -12.03
C PHE A 24 -10.80 19.36 -11.44
N ARG A 25 -11.15 19.48 -10.16
CA ARG A 25 -11.07 20.76 -9.41
C ARG A 25 -9.67 21.32 -9.47
N ARG A 26 -8.68 20.49 -9.13
CA ARG A 26 -7.27 20.87 -9.05
C ARG A 26 -6.63 21.21 -10.38
N LEU A 27 -6.95 20.43 -11.41
CA LEU A 27 -6.53 20.77 -12.78
C LEU A 27 -6.95 22.19 -13.19
N GLN A 28 -8.23 22.50 -13.01
CA GLN A 28 -8.78 23.80 -13.35
C GLN A 28 -8.12 24.93 -12.56
N LYS A 29 -8.10 24.78 -11.21
CA LYS A 29 -7.55 25.78 -10.27
C LYS A 29 -6.16 26.19 -10.71
N TRP A 30 -5.40 25.21 -11.23
CA TRP A 30 -4.04 25.44 -11.69
C TRP A 30 -3.86 25.66 -13.21
N GLU A 31 -4.98 25.89 -13.91
CA GLU A 31 -4.96 26.30 -15.33
C GLU A 31 -4.47 25.19 -16.29
N LEU A 32 -4.65 23.94 -15.86
CA LEU A 32 -4.39 22.78 -16.72
C LEU A 32 -5.73 22.37 -17.32
N ASN A 33 -5.72 21.53 -18.35
CA ASN A 33 -6.98 21.28 -19.14
C ASN A 33 -7.35 19.83 -19.50
N THR A 34 -6.45 18.88 -19.31
CA THR A 34 -6.65 17.53 -19.85
C THR A 34 -6.58 16.44 -18.80
N TYR A 35 -7.35 15.38 -19.03
CA TYR A 35 -7.31 14.16 -18.20
C TYR A 35 -7.53 12.94 -19.06
N LEU A 36 -6.49 12.11 -19.18
CA LEU A 36 -6.60 10.83 -19.91
C LEU A 36 -6.94 9.62 -19.07
N TYR A 37 -8.12 9.05 -19.28
CA TYR A 37 -8.56 7.84 -18.54
C TYR A 37 -7.89 6.61 -19.16
N ALA A 38 -6.91 6.03 -18.48
CA ALA A 38 -6.20 4.82 -18.95
C ALA A 38 -5.71 3.90 -17.81
N PRO A 39 -6.50 3.73 -16.71
CA PRO A 39 -5.98 2.99 -15.55
C PRO A 39 -5.92 1.50 -15.84
N LYS A 40 -4.70 0.95 -15.87
CA LYS A 40 -4.43 -0.36 -16.52
C LYS A 40 -5.27 -1.49 -15.93
N ASP A 41 -5.56 -1.37 -14.65
CA ASP A 41 -6.27 -2.44 -13.98
C ASP A 41 -7.69 -2.09 -13.56
N ASP A 42 -8.26 -1.06 -14.18
CA ASP A 42 -9.69 -0.85 -14.06
C ASP A 42 -10.32 -1.73 -15.10
N TYR A 43 -10.94 -2.81 -14.62
CA TYR A 43 -11.77 -3.73 -15.42
C TYR A 43 -12.62 -2.96 -16.44
N LYS A 44 -12.60 -3.40 -17.71
CA LYS A 44 -13.38 -2.79 -18.81
C LYS A 44 -12.63 -1.63 -19.46
N HIS A 45 -11.39 -1.45 -19.06
CA HIS A 45 -10.47 -0.61 -19.80
C HIS A 45 -9.45 -1.45 -20.56
N ARG A 46 -8.99 -2.53 -19.94
CA ARG A 46 -7.93 -3.34 -20.52
C ARG A 46 -8.33 -4.80 -20.46
N MET A 47 -8.40 -5.36 -19.25
CA MET A 47 -8.48 -6.81 -19.11
C MET A 47 -9.61 -7.42 -19.95
N PHE A 48 -10.84 -7.05 -19.60
CA PHE A 48 -11.96 -7.40 -20.43
C PHE A 48 -12.64 -6.11 -20.90
N TRP A 49 -12.05 -5.56 -21.95
CA TRP A 49 -12.44 -4.31 -22.58
C TRP A 49 -13.64 -4.43 -23.49
N ARG A 50 -14.12 -5.65 -23.65
CA ARG A 50 -15.26 -5.97 -24.49
C ARG A 50 -16.60 -5.68 -23.79
N GLU A 51 -16.63 -5.70 -22.47
CA GLU A 51 -17.89 -5.68 -21.72
C GLU A 51 -18.36 -4.26 -21.47
N MET A 52 -19.57 -3.98 -21.91
CA MET A 52 -20.23 -2.69 -21.71
C MET A 52 -20.60 -2.50 -20.25
N TYR A 53 -20.68 -1.23 -19.84
CA TYR A 53 -20.96 -0.87 -18.46
C TYR A 53 -22.41 -1.20 -18.07
N SER A 54 -22.61 -1.51 -16.79
CA SER A 54 -23.94 -1.79 -16.29
C SER A 54 -24.81 -0.53 -16.22
N VAL A 55 -26.04 -0.71 -15.75
CA VAL A 55 -26.97 0.39 -15.50
C VAL A 55 -26.38 1.32 -14.41
N GLU A 56 -25.77 0.70 -13.39
CA GLU A 56 -25.06 1.39 -12.32
C GLU A 56 -23.78 2.12 -12.80
N GLU A 57 -22.93 1.43 -13.57
CA GLU A 57 -21.65 2.03 -14.05
C GLU A 57 -21.83 3.17 -15.05
N ALA A 58 -22.92 3.10 -15.81
CA ALA A 58 -23.34 4.18 -16.69
C ALA A 58 -23.66 5.44 -15.86
N GLU A 59 -24.36 5.25 -14.74
CA GLU A 59 -24.72 6.35 -13.84
C GLU A 59 -23.46 7.07 -13.35
N GLN A 60 -22.46 6.29 -12.92
CA GLN A 60 -21.19 6.77 -12.38
C GLN A 60 -20.33 7.49 -13.42
N LEU A 61 -20.13 6.86 -14.57
CA LEU A 61 -19.37 7.43 -15.67
C LEU A 61 -19.95 8.71 -16.25
N MET A 62 -21.28 8.72 -16.46
CA MET A 62 -22.02 9.87 -17.02
C MET A 62 -21.90 11.05 -16.07
N THR A 63 -22.15 10.77 -14.78
CA THR A 63 -21.90 11.72 -13.70
C THR A 63 -20.47 12.31 -13.70
N LEU A 64 -19.46 11.48 -13.98
CA LEU A 64 -18.05 11.92 -13.99
C LEU A 64 -17.70 12.81 -15.17
N ILE A 65 -17.92 12.31 -16.38
CA ILE A 65 -17.73 13.07 -17.62
C ILE A 65 -18.46 14.42 -17.59
N SER A 66 -19.66 14.41 -17.02
CA SER A 66 -20.41 15.65 -16.80
C SER A 66 -19.55 16.60 -15.97
N ALA A 67 -19.07 16.15 -14.81
CA ALA A 67 -18.16 16.91 -13.92
C ALA A 67 -16.87 17.44 -14.59
N ALA A 68 -16.26 16.61 -15.46
CA ALA A 68 -15.13 17.05 -16.27
C ALA A 68 -15.47 18.28 -17.10
N ARG A 69 -16.68 18.32 -17.66
CA ARG A 69 -17.10 19.47 -18.47
C ARG A 69 -17.38 20.69 -17.59
N GLU A 70 -17.87 20.45 -16.38
CA GLU A 70 -18.22 21.50 -15.43
C GLU A 70 -17.00 22.35 -15.04
N TYR A 71 -15.84 21.70 -15.02
CA TYR A 71 -14.59 22.34 -14.63
C TYR A 71 -13.64 22.68 -15.77
N GLU A 72 -14.12 22.54 -17.01
CA GLU A 72 -13.38 22.86 -18.23
C GLU A 72 -12.12 22.01 -18.31
N ILE A 73 -12.32 20.72 -18.06
CA ILE A 73 -11.29 19.68 -18.31
C ILE A 73 -11.78 18.70 -19.40
N GLU A 74 -11.04 18.65 -20.50
CA GLU A 74 -11.23 17.68 -21.58
C GLU A 74 -11.05 16.24 -21.04
N PHE A 75 -12.11 15.46 -21.16
CA PHE A 75 -12.09 14.06 -20.76
C PHE A 75 -11.66 13.24 -21.96
N ILE A 76 -10.61 12.44 -21.81
CA ILE A 76 -10.27 11.51 -22.85
C ILE A 76 -10.41 10.10 -22.30
N TYR A 77 -11.40 9.34 -22.82
CA TYR A 77 -11.52 7.88 -22.61
C TYR A 77 -10.57 7.09 -23.51
N ALA A 78 -9.90 6.12 -22.89
CA ALA A 78 -8.89 5.30 -23.56
C ALA A 78 -9.18 3.80 -23.40
N ILE A 79 -8.74 3.03 -24.38
CA ILE A 79 -9.08 1.62 -24.42
C ILE A 79 -7.84 0.83 -24.82
N SER A 80 -7.54 -0.18 -24.01
CA SER A 80 -6.38 -1.04 -24.22
C SER A 80 -6.90 -2.44 -24.56
N PRO A 81 -7.07 -2.75 -25.87
CA PRO A 81 -7.54 -4.08 -26.24
C PRO A 81 -6.43 -5.04 -26.65
N GLY A 82 -5.22 -4.51 -26.85
CA GLY A 82 -4.11 -5.22 -27.48
C GLY A 82 -3.73 -6.56 -26.88
N LEU A 83 -4.19 -6.85 -25.65
CA LEU A 83 -3.84 -8.10 -24.97
C LEU A 83 -4.22 -9.37 -25.76
N ASP A 84 -5.43 -9.38 -26.32
CA ASP A 84 -6.00 -10.60 -26.90
C ASP A 84 -6.91 -10.29 -28.09
N ILE A 85 -6.82 -9.09 -28.63
CA ILE A 85 -7.64 -8.75 -29.79
C ILE A 85 -7.17 -9.51 -31.03
N THR A 86 -8.13 -10.02 -31.80
CA THR A 86 -7.88 -10.50 -33.16
C THR A 86 -8.24 -9.32 -34.06
N PHE A 87 -7.25 -8.89 -34.81
CA PHE A 87 -7.33 -7.69 -35.65
C PHE A 87 -8.33 -7.86 -36.79
N SER A 88 -8.23 -8.96 -37.53
CA SER A 88 -9.05 -9.24 -38.70
C SER A 88 -10.54 -9.42 -38.40
N ASN A 89 -10.85 -10.21 -37.35
CA ASN A 89 -12.23 -10.53 -36.95
C ASN A 89 -13.06 -9.27 -36.63
N PRO A 90 -14.10 -9.01 -37.44
CA PRO A 90 -14.89 -7.80 -37.25
C PRO A 90 -15.97 -7.92 -36.18
N LYS A 91 -16.16 -9.10 -35.57
CA LYS A 91 -16.97 -9.24 -34.34
C LYS A 91 -16.29 -8.39 -33.26
N GLU A 92 -14.94 -8.41 -33.27
CA GLU A 92 -14.04 -7.57 -32.47
C GLU A 92 -14.13 -6.09 -32.86
N VAL A 93 -13.73 -5.73 -34.08
CA VAL A 93 -13.71 -4.31 -34.47
C VAL A 93 -15.08 -3.63 -34.29
N SER A 94 -16.15 -4.41 -34.42
CA SER A 94 -17.48 -3.94 -34.08
C SER A 94 -17.53 -3.71 -32.57
N THR A 95 -17.07 -4.66 -31.77
CA THR A 95 -17.05 -4.54 -30.29
C THR A 95 -16.30 -3.30 -29.78
N LEU A 96 -15.15 -3.02 -30.41
CA LEU A 96 -14.42 -1.78 -30.19
C LEU A 96 -15.36 -0.59 -30.40
N LYS A 97 -15.88 -0.46 -31.64
CA LYS A 97 -16.88 0.55 -32.00
C LYS A 97 -18.03 0.59 -30.97
N ARG A 98 -18.54 -0.58 -30.63
CA ARG A 98 -19.74 -0.70 -29.82
C ARG A 98 -19.51 -0.12 -28.46
N LYS A 99 -18.34 -0.44 -27.88
CA LYS A 99 -17.97 0.10 -26.56
C LYS A 99 -17.74 1.60 -26.62
N LEU A 100 -17.00 2.04 -27.64
CA LEU A 100 -16.71 3.45 -27.83
C LEU A 100 -18.00 4.29 -27.87
N ASP A 101 -18.91 3.93 -28.78
CA ASP A 101 -20.24 4.52 -28.87
C ASP A 101 -20.92 4.68 -27.51
N GLN A 102 -20.91 3.62 -26.71
CA GLN A 102 -21.58 3.63 -25.41
C GLN A 102 -21.13 4.79 -24.50
N VAL A 103 -19.81 5.05 -24.52
CA VAL A 103 -19.23 6.10 -23.69
C VAL A 103 -19.42 7.47 -24.32
N SER A 104 -19.37 7.51 -25.65
CA SER A 104 -19.86 8.66 -26.42
C SER A 104 -21.22 9.19 -25.94
N GLN A 105 -22.12 8.29 -25.59
CA GLN A 105 -23.41 8.69 -25.10
C GLN A 105 -23.41 9.04 -23.60
N PHE A 106 -22.26 8.89 -22.93
CA PHE A 106 -22.08 9.39 -21.55
C PHE A 106 -21.66 10.86 -21.59
N GLY A 107 -21.50 11.34 -22.82
CA GLY A 107 -21.25 12.74 -23.13
C GLY A 107 -19.80 12.96 -23.41
N CYS A 108 -19.18 12.06 -24.18
CA CYS A 108 -17.73 12.00 -24.28
C CYS A 108 -17.26 12.18 -25.71
N ARG A 109 -16.36 13.13 -25.94
CA ARG A 109 -15.99 13.54 -27.30
C ARG A 109 -14.55 13.23 -27.70
N SER A 110 -13.72 12.87 -26.74
CA SER A 110 -12.33 12.60 -27.07
C SER A 110 -11.94 11.18 -26.64
N PHE A 111 -11.05 10.55 -27.42
CA PHE A 111 -10.65 9.13 -27.23
C PHE A 111 -9.16 8.79 -27.45
N ALA A 112 -8.73 7.65 -26.91
CA ALA A 112 -7.44 7.07 -27.25
C ALA A 112 -7.50 5.56 -27.27
N LEU A 113 -6.75 4.99 -28.22
CA LEU A 113 -6.47 3.56 -28.28
C LEU A 113 -5.04 3.31 -27.90
N LEU A 114 -4.81 2.39 -26.95
CA LEU A 114 -3.44 2.19 -26.39
C LEU A 114 -2.84 0.82 -26.68
N PHE A 115 -1.63 0.82 -27.24
CA PHE A 115 -0.90 -0.40 -27.60
C PHE A 115 0.47 -0.57 -26.92
N ASP A 116 0.62 0.00 -25.73
CA ASP A 116 1.81 -0.20 -24.95
C ASP A 116 1.74 -1.57 -24.27
N ASN A 117 2.90 -2.23 -24.10
CA ASN A 117 3.05 -3.41 -23.22
C ASN A 117 2.23 -4.62 -23.68
N ILE A 118 2.54 -5.04 -24.91
CA ILE A 118 1.91 -6.16 -25.62
C ILE A 118 2.95 -6.84 -26.52
N ASP A 119 2.69 -8.10 -26.88
CA ASP A 119 3.61 -8.90 -27.73
C ASP A 119 3.66 -8.41 -29.17
N HIS A 120 4.85 -8.39 -29.74
CA HIS A 120 5.07 -8.07 -31.16
C HIS A 120 4.57 -9.08 -32.21
N ASN A 121 4.14 -10.26 -31.77
CA ASN A 121 3.59 -11.32 -32.63
C ASN A 121 2.08 -11.38 -32.53
N MET A 122 1.44 -11.35 -33.69
CA MET A 122 -0.02 -11.55 -33.79
C MET A 122 -0.32 -13.01 -34.10
N CYS A 123 -1.61 -13.34 -34.13
CA CYS A 123 -2.08 -14.68 -34.44
C CYS A 123 -1.94 -14.94 -35.92
N ALA A 124 -2.00 -16.21 -36.31
CA ALA A 124 -1.86 -16.63 -37.70
C ALA A 124 -2.81 -15.89 -38.65
N ALA A 125 -4.08 -15.76 -38.23
CA ALA A 125 -5.12 -15.05 -39.01
C ALA A 125 -4.71 -13.63 -39.42
N ASP A 126 -4.18 -12.85 -38.47
CA ASP A 126 -3.76 -11.48 -38.75
C ASP A 126 -2.43 -11.40 -39.52
N LYS A 127 -1.58 -12.43 -39.38
CA LYS A 127 -0.30 -12.55 -40.12
C LYS A 127 -0.49 -12.54 -41.63
N GLU A 128 -1.69 -12.93 -42.07
CA GLU A 128 -2.15 -12.93 -43.46
C GLU A 128 -2.67 -11.55 -43.87
N VAL A 129 -3.68 -11.07 -43.14
CA VAL A 129 -4.45 -9.85 -43.49
C VAL A 129 -3.58 -8.58 -43.47
N PHE A 130 -2.60 -8.53 -42.56
CA PHE A 130 -1.78 -7.32 -42.38
C PHE A 130 -0.30 -7.62 -42.63
N SER A 131 0.40 -6.59 -43.11
CA SER A 131 1.82 -6.68 -43.50
C SER A 131 2.77 -6.87 -42.30
N SER A 132 2.72 -5.94 -41.34
CA SER A 132 3.57 -5.96 -40.15
C SER A 132 2.73 -5.55 -38.95
N PHE A 133 3.32 -5.61 -37.75
CA PHE A 133 2.59 -5.26 -36.51
C PHE A 133 2.13 -3.81 -36.53
N ALA A 134 3.06 -2.95 -36.97
CA ALA A 134 2.80 -1.54 -37.18
C ALA A 134 1.55 -1.30 -38.06
N HIS A 135 1.61 -1.77 -39.31
CA HIS A 135 0.49 -1.72 -40.30
C HIS A 135 -0.86 -2.08 -39.69
N ALA A 136 -0.83 -3.04 -38.78
CA ALA A 136 -2.03 -3.60 -38.19
C ALA A 136 -2.76 -2.64 -37.25
N GLN A 137 -2.03 -2.10 -36.26
CA GLN A 137 -2.61 -1.20 -35.27
C GLN A 137 -3.13 0.07 -35.92
N VAL A 138 -2.32 0.61 -36.83
CA VAL A 138 -2.72 1.73 -37.68
C VAL A 138 -4.14 1.45 -38.23
N SER A 139 -4.27 0.38 -39.01
CA SER A 139 -5.52 0.02 -39.70
C SER A 139 -6.78 0.21 -38.83
N ILE A 140 -6.76 -0.41 -37.66
CA ILE A 140 -7.88 -0.36 -36.72
C ILE A 140 -8.05 1.03 -36.06
N THR A 141 -6.93 1.72 -35.86
CA THR A 141 -6.88 3.05 -35.24
C THR A 141 -7.63 4.05 -36.12
N ASN A 142 -7.29 4.09 -37.43
CA ASN A 142 -7.91 5.05 -38.36
C ASN A 142 -9.39 4.80 -38.54
N GLU A 143 -9.75 3.53 -38.69
CA GLU A 143 -11.12 3.17 -38.95
C GLU A 143 -12.00 3.64 -37.81
N ILE A 144 -11.54 3.40 -36.59
CA ILE A 144 -12.26 3.81 -35.40
C ILE A 144 -12.34 5.36 -35.30
N TYR A 145 -11.24 6.02 -35.68
CA TYR A 145 -11.19 7.47 -35.77
C TYR A 145 -12.35 8.00 -36.62
N GLN A 146 -12.40 7.59 -37.88
CA GLN A 146 -13.43 8.03 -38.81
C GLN A 146 -14.82 7.61 -38.34
N TYR A 147 -14.92 6.41 -37.76
CA TYR A 147 -16.19 5.92 -37.28
C TYR A 147 -16.86 6.87 -36.29
N LEU A 148 -16.05 7.66 -35.57
CA LEU A 148 -16.57 8.59 -34.58
C LEU A 148 -16.54 10.03 -35.07
N GLY A 149 -16.48 10.20 -36.38
CA GLY A 149 -16.54 11.54 -37.01
C GLY A 149 -15.26 12.34 -36.95
N GLU A 150 -14.13 11.63 -37.09
CA GLU A 150 -12.80 12.22 -37.05
C GLU A 150 -12.66 13.19 -35.86
N PRO A 151 -12.74 12.70 -34.58
CA PRO A 151 -12.92 13.60 -33.41
C PRO A 151 -11.78 14.59 -33.14
N GLU A 152 -12.09 15.62 -32.34
CA GLU A 152 -11.16 16.73 -32.05
C GLU A 152 -9.88 16.24 -31.35
N THR A 153 -10.01 15.49 -30.26
CA THR A 153 -8.82 14.79 -29.72
C THR A 153 -8.90 13.25 -29.82
N PHE A 154 -7.91 12.70 -30.53
CA PHE A 154 -7.77 11.28 -30.64
C PHE A 154 -6.32 10.87 -30.56
N LEU A 155 -6.01 10.02 -29.56
CA LEU A 155 -4.64 9.60 -29.27
C LEU A 155 -4.36 8.12 -29.46
N PHE A 156 -3.14 7.86 -29.91
CA PHE A 156 -2.66 6.56 -30.19
C PHE A 156 -1.36 6.38 -29.41
N CYS A 157 -1.35 5.47 -28.46
CA CYS A 157 -0.09 5.12 -27.83
C CYS A 157 0.52 3.88 -28.48
N PRO A 158 1.69 4.04 -29.11
CA PRO A 158 2.34 2.93 -29.83
C PRO A 158 2.89 1.79 -28.94
N THR A 159 3.54 0.83 -29.57
CA THR A 159 4.12 -0.30 -28.85
C THR A 159 5.58 0.03 -28.60
N GLU A 160 6.21 0.65 -29.58
CA GLU A 160 7.52 1.17 -29.38
C GLU A 160 7.27 2.63 -28.96
N TYR A 161 7.01 2.83 -27.66
CA TYR A 161 6.58 4.13 -27.10
C TYR A 161 7.63 4.95 -26.34
N CYS A 162 8.89 4.51 -26.38
CA CYS A 162 10.02 5.27 -25.83
C CYS A 162 11.33 4.83 -26.47
N GLY A 163 12.33 5.71 -26.47
CA GLY A 163 13.66 5.44 -27.02
C GLY A 163 14.13 4.00 -26.93
N THR A 164 14.13 3.47 -25.72
CA THR A 164 14.61 2.11 -25.42
C THR A 164 13.81 0.97 -26.07
N PHE A 165 12.54 1.22 -26.39
CA PHE A 165 11.62 0.19 -26.88
C PHE A 165 11.59 0.01 -28.39
N CYS A 166 12.44 0.74 -29.13
CA CYS A 166 12.45 0.72 -30.60
C CYS A 166 13.55 -0.13 -31.24
N TYR A 167 13.17 -0.95 -32.23
CA TYR A 167 14.11 -1.88 -32.90
C TYR A 167 14.72 -1.28 -34.19
N PRO A 168 16.05 -1.12 -34.25
CA PRO A 168 16.96 -1.28 -33.09
C PRO A 168 17.24 0.05 -32.41
N ASN A 169 16.98 1.12 -33.14
CA ASN A 169 16.96 2.46 -32.59
C ASN A 169 15.71 3.16 -33.12
N VAL A 170 15.53 4.40 -32.71
CA VAL A 170 14.29 5.13 -32.97
C VAL A 170 14.14 5.64 -34.39
N SER A 171 15.21 6.19 -34.96
CA SER A 171 15.15 6.81 -36.30
C SER A 171 15.02 5.82 -37.47
N GLN A 172 15.41 4.56 -37.25
CA GLN A 172 15.32 3.54 -38.29
C GLN A 172 14.47 2.39 -37.84
N SER A 173 13.36 2.72 -37.20
CA SER A 173 12.48 1.71 -36.67
C SER A 173 11.45 1.44 -37.76
N PRO A 174 11.34 0.17 -38.23
CA PRO A 174 10.25 -0.28 -39.10
C PRO A 174 8.90 0.06 -38.53
N TYR A 175 8.71 -0.25 -37.25
CA TYR A 175 7.43 0.00 -36.59
C TYR A 175 7.08 1.49 -36.61
N LEU A 176 8.06 2.34 -36.34
CA LEU A 176 7.80 3.77 -36.22
C LEU A 176 7.63 4.46 -37.56
N ARG A 177 8.42 4.02 -38.56
CA ARG A 177 8.30 4.52 -39.95
C ARG A 177 6.88 4.35 -40.50
N THR A 178 6.29 3.18 -40.22
CA THR A 178 4.94 2.84 -40.62
C THR A 178 3.90 3.74 -39.96
N VAL A 179 3.92 3.83 -38.63
CA VAL A 179 3.00 4.72 -37.90
C VAL A 179 3.12 6.16 -38.41
N GLY A 180 4.36 6.66 -38.48
CA GLY A 180 4.63 7.98 -39.00
C GLY A 180 3.83 8.34 -40.23
N GLU A 181 3.90 7.48 -41.24
CA GLU A 181 3.36 7.78 -42.57
C GLU A 181 1.90 7.39 -42.73
N LYS A 182 1.52 6.25 -42.20
CA LYS A 182 0.22 5.63 -42.51
C LYS A 182 -0.88 5.79 -41.43
N LEU A 183 -0.46 6.25 -40.23
CA LEU A 183 -1.41 6.73 -39.19
C LEU A 183 -1.81 8.16 -39.58
N LEU A 184 -3.10 8.46 -39.46
CA LEU A 184 -3.68 9.67 -40.08
C LEU A 184 -3.10 10.94 -39.47
N PRO A 185 -2.94 11.99 -40.30
CA PRO A 185 -2.71 13.39 -39.99
C PRO A 185 -3.28 13.97 -38.68
N GLY A 186 -4.56 13.71 -38.40
CA GLY A 186 -5.24 14.35 -37.28
C GLY A 186 -5.17 13.60 -35.97
N ILE A 187 -4.38 12.53 -35.93
CA ILE A 187 -4.26 11.67 -34.75
C ILE A 187 -2.89 11.87 -34.14
N GLU A 188 -2.84 11.90 -32.80
CA GLU A 188 -1.61 12.22 -32.07
C GLU A 188 -1.01 11.00 -31.41
N VAL A 189 0.31 11.04 -31.30
CA VAL A 189 1.12 9.93 -30.81
C VAL A 189 1.66 10.20 -29.39
N LEU A 190 1.43 9.26 -28.49
CA LEU A 190 1.95 9.32 -27.12
C LEU A 190 3.38 8.79 -27.02
N TRP A 191 4.20 9.45 -26.20
CA TRP A 191 5.65 9.19 -26.12
C TRP A 191 6.14 9.47 -24.68
N THR A 192 6.90 8.54 -24.09
CA THR A 192 7.45 8.72 -22.72
C THR A 192 8.88 9.26 -22.63
N GLY A 193 9.54 9.40 -23.79
CA GLY A 193 10.91 9.94 -23.86
C GLY A 193 11.97 8.91 -24.19
N PRO A 194 13.24 9.19 -23.89
CA PRO A 194 14.31 8.19 -23.97
C PRO A 194 13.96 6.87 -23.36
N LYS A 195 13.46 6.92 -22.12
CA LYS A 195 13.28 5.73 -21.31
C LYS A 195 11.82 5.70 -21.00
N VAL A 196 11.35 4.56 -20.50
CA VAL A 196 10.03 4.43 -19.90
C VAL A 196 9.86 5.47 -18.75
N VAL A 197 10.86 5.60 -17.87
CA VAL A 197 10.92 6.71 -16.92
C VAL A 197 12.09 7.57 -17.37
N SER A 198 11.80 8.64 -18.07
CA SER A 198 12.88 9.47 -18.55
C SER A 198 13.40 10.34 -17.42
N LYS A 199 14.69 10.19 -17.11
CA LYS A 199 15.37 11.07 -16.15
C LYS A 199 15.40 12.50 -16.67
N GLU A 200 15.59 12.56 -17.98
CA GLU A 200 15.61 13.78 -18.74
C GLU A 200 14.85 13.46 -20.04
N ILE A 201 14.23 14.48 -20.64
CA ILE A 201 13.71 14.37 -22.01
C ILE A 201 14.40 15.46 -22.85
N PRO A 202 15.55 15.10 -23.48
CA PRO A 202 16.33 16.08 -24.24
C PRO A 202 15.60 16.54 -25.52
N VAL A 203 15.98 17.72 -25.99
CA VAL A 203 15.33 18.38 -27.12
C VAL A 203 15.69 17.66 -28.39
N GLU A 204 16.99 17.40 -28.54
CA GLU A 204 17.55 16.59 -29.63
C GLU A 204 16.75 15.27 -29.89
N SER A 205 16.31 14.63 -28.79
CA SER A 205 15.59 13.36 -28.86
C SER A 205 14.18 13.51 -29.40
N ILE A 206 13.50 14.59 -29.03
CA ILE A 206 12.15 14.87 -29.53
C ILE A 206 12.19 15.18 -31.03
N GLU A 207 13.23 15.91 -31.48
CA GLU A 207 13.50 16.14 -32.91
C GLU A 207 13.62 14.81 -33.61
N GLU A 208 14.46 13.94 -33.06
CA GLU A 208 14.74 12.63 -33.61
C GLU A 208 13.49 11.74 -33.71
N VAL A 209 12.61 11.81 -32.73
CA VAL A 209 11.38 11.01 -32.73
C VAL A 209 10.35 11.59 -33.71
N SER A 210 10.33 12.92 -33.82
CA SER A 210 9.29 13.64 -34.59
C SER A 210 9.47 13.43 -36.07
N LYS A 211 10.73 13.51 -36.52
CA LYS A 211 11.14 13.18 -37.89
C LYS A 211 10.54 11.85 -38.35
N ILE A 212 10.72 10.80 -37.56
CA ILE A 212 10.39 9.45 -38.01
C ILE A 212 8.94 9.09 -37.72
N ILE A 213 8.15 10.07 -37.26
CA ILE A 213 6.68 9.89 -37.07
C ILE A 213 5.88 11.07 -37.62
N LYS A 214 6.60 12.07 -38.11
CA LYS A 214 6.08 13.29 -38.78
C LYS A 214 4.98 14.06 -38.03
N ARG A 215 5.05 14.00 -36.70
CA ARG A 215 4.34 14.91 -35.79
C ARG A 215 5.23 15.22 -34.60
N ALA A 216 4.87 16.32 -33.92
CA ALA A 216 5.16 16.51 -32.50
C ALA A 216 4.29 15.54 -31.67
N PRO A 217 4.91 14.74 -30.77
CA PRO A 217 4.22 13.79 -29.90
C PRO A 217 3.59 14.39 -28.64
N VAL A 218 2.61 13.69 -28.06
CA VAL A 218 2.16 13.99 -26.70
C VAL A 218 2.92 13.12 -25.68
N ILE A 219 3.61 13.79 -24.75
CA ILE A 219 4.32 13.13 -23.64
C ILE A 219 3.40 12.48 -22.60
N TRP A 220 3.52 11.16 -22.50
CA TRP A 220 2.94 10.43 -21.39
C TRP A 220 4.11 10.40 -20.43
N ASP A 221 4.03 11.16 -19.35
CA ASP A 221 5.19 11.30 -18.48
C ASP A 221 5.16 10.45 -17.23
N ASN A 222 6.13 9.54 -17.09
CA ASN A 222 6.28 8.69 -15.88
C ASN A 222 7.27 9.16 -14.81
N ILE A 223 7.68 10.42 -14.86
CA ILE A 223 8.58 10.94 -13.86
C ILE A 223 8.08 10.62 -12.43
N HIS A 224 6.78 10.77 -12.18
CA HIS A 224 6.26 10.61 -10.83
C HIS A 224 5.52 9.29 -10.63
N ALA A 225 5.49 8.43 -11.64
CA ALA A 225 4.82 7.13 -11.54
C ALA A 225 5.59 6.27 -10.54
N ASN A 226 4.82 5.60 -9.68
CA ASN A 226 5.37 4.83 -8.55
C ASN A 226 4.85 3.40 -8.44
N ASP A 227 3.89 3.04 -9.28
CA ASP A 227 3.28 1.70 -9.36
C ASP A 227 4.23 0.47 -9.37
N TYR A 228 5.51 0.76 -9.57
CA TYR A 228 6.49 -0.24 -9.98
C TYR A 228 7.51 -0.59 -8.85
N ASP A 229 7.26 -0.09 -7.63
CA ASP A 229 8.05 -0.35 -6.41
C ASP A 229 7.23 0.08 -5.19
N GLN A 230 6.96 -0.92 -4.37
CA GLN A 230 6.07 -0.83 -3.23
C GLN A 230 6.51 0.25 -2.24
N LYS A 231 7.81 0.46 -2.19
CA LYS A 231 8.42 1.34 -1.21
C LYS A 231 8.60 2.74 -1.73
N ARG A 232 8.18 3.02 -2.95
CA ARG A 232 8.57 4.28 -3.61
C ARG A 232 7.40 5.20 -3.87
N LEU A 233 7.68 6.47 -3.63
CA LEU A 233 6.75 7.57 -3.72
C LEU A 233 7.56 8.76 -4.21
N PHE A 234 6.97 9.62 -5.04
CA PHE A 234 7.72 10.71 -5.64
C PHE A 234 6.95 11.96 -5.46
N LEU A 235 7.45 12.80 -4.53
CA LEU A 235 6.85 14.11 -4.20
C LEU A 235 7.81 15.24 -4.54
N GLY A 236 8.75 14.92 -5.44
CA GLY A 236 9.71 15.90 -5.93
C GLY A 236 9.09 16.74 -7.03
N PRO A 237 9.78 17.84 -7.43
CA PRO A 237 9.23 18.69 -8.50
C PRO A 237 9.35 18.04 -9.87
N TYR A 238 8.54 18.53 -10.80
CA TYR A 238 8.67 18.22 -12.20
C TYR A 238 10.07 18.71 -12.64
N LYS A 239 10.88 17.84 -13.26
CA LYS A 239 12.33 18.10 -13.52
C LYS A 239 12.86 17.32 -14.70
N GLY A 240 13.83 17.89 -15.42
CA GLY A 240 14.51 17.14 -16.51
C GLY A 240 13.92 17.37 -17.88
N ARG A 241 12.95 18.30 -17.95
CA ARG A 241 12.26 18.56 -19.17
C ARG A 241 12.31 20.03 -19.36
N SER A 242 13.08 20.46 -20.35
CA SER A 242 13.32 21.87 -20.59
C SER A 242 12.04 22.55 -21.07
N THR A 243 11.85 23.83 -20.73
CA THR A 243 10.63 24.52 -21.19
C THR A 243 10.64 24.72 -22.71
N GLU A 244 11.78 24.41 -23.32
CA GLU A 244 12.02 24.53 -24.74
C GLU A 244 11.41 23.36 -25.50
N LEU A 245 11.13 22.27 -24.78
CA LEU A 245 10.33 21.17 -25.31
C LEU A 245 8.92 21.60 -25.68
N ILE A 246 8.34 22.56 -24.96
CA ILE A 246 6.92 22.97 -25.17
C ILE A 246 6.52 23.28 -26.63
N PRO A 247 7.23 24.21 -27.32
CA PRO A 247 6.99 24.39 -28.77
C PRO A 247 7.11 23.13 -29.64
N ARG A 248 7.94 22.17 -29.20
CA ARG A 248 8.19 20.92 -29.94
C ARG A 248 7.25 19.74 -29.62
N LEU A 249 6.20 19.96 -28.82
CA LEU A 249 5.24 18.89 -28.44
C LEU A 249 3.81 19.42 -28.41
N LYS A 250 2.85 18.52 -28.57
CA LYS A 250 1.41 18.84 -28.56
C LYS A 250 0.82 18.69 -27.12
N GLY A 251 1.55 17.96 -26.25
CA GLY A 251 1.17 17.82 -24.85
C GLY A 251 2.16 17.16 -23.89
N VAL A 252 1.86 17.33 -22.59
CA VAL A 252 2.48 16.61 -21.50
C VAL A 252 1.35 16.18 -20.57
N LEU A 253 1.19 14.87 -20.43
CA LEU A 253 0.27 14.25 -19.49
C LEU A 253 1.07 13.43 -18.48
N THR A 254 0.97 13.76 -17.19
CA THR A 254 1.77 13.10 -16.18
C THR A 254 1.05 11.94 -15.55
N ASN A 255 1.73 10.80 -15.57
CA ASN A 255 1.22 9.56 -14.98
C ASN A 255 1.84 9.47 -13.59
N PRO A 256 1.08 9.87 -12.55
CA PRO A 256 1.69 10.22 -11.30
C PRO A 256 1.42 9.12 -10.24
N ASN A 257 1.66 9.39 -8.95
CA ASN A 257 1.62 8.33 -7.91
C ASN A 257 0.29 7.64 -7.82
N CYS A 258 0.28 6.37 -7.43
CA CYS A 258 -0.97 5.63 -7.24
C CYS A 258 -1.81 6.21 -6.14
N GLU A 259 -1.19 6.69 -5.08
CA GLU A 259 -1.95 7.22 -3.97
C GLU A 259 -2.37 8.63 -4.35
N PHE A 260 -3.67 8.84 -4.53
CA PHE A 260 -4.19 10.15 -5.01
C PHE A 260 -3.61 11.38 -4.34
N GLU A 261 -3.77 11.48 -3.03
CA GLU A 261 -3.41 12.70 -2.30
C GLU A 261 -1.93 13.08 -2.45
N ALA A 262 -1.09 12.06 -2.72
CA ALA A 262 0.36 12.27 -2.80
C ALA A 262 0.79 13.03 -4.05
N ASN A 263 -0.15 13.32 -4.96
CA ASN A 263 0.21 13.92 -6.23
C ASN A 263 0.08 15.43 -6.27
N TYR A 264 0.22 16.04 -5.11
CA TYR A 264 0.01 17.44 -5.04
C TYR A 264 1.18 18.20 -5.69
N VAL A 265 2.41 17.90 -5.25
CA VAL A 265 3.61 18.48 -5.85
C VAL A 265 3.69 18.07 -7.34
N ALA A 266 3.42 16.80 -7.61
CA ALA A 266 3.59 16.22 -8.94
C ALA A 266 2.85 17.08 -9.99
N ILE A 267 1.65 17.49 -9.61
CA ILE A 267 0.69 18.16 -10.47
C ILE A 267 0.84 19.69 -10.44
N HIS A 268 0.95 20.26 -9.25
CA HIS A 268 1.19 21.69 -9.07
C HIS A 268 2.43 22.11 -9.86
N THR A 269 3.51 21.35 -9.74
CA THR A 269 4.76 21.77 -10.33
C THR A 269 4.73 21.63 -11.84
N LEU A 270 4.02 20.59 -12.34
CA LEU A 270 3.75 20.49 -13.78
C LEU A 270 3.02 21.72 -14.34
N ALA A 271 2.01 22.22 -13.62
CA ALA A 271 1.32 23.44 -14.02
C ALA A 271 2.31 24.60 -14.03
N THR A 272 3.02 24.75 -12.92
CA THR A 272 4.00 25.80 -12.83
C THR A 272 4.85 25.78 -14.07
N TRP A 273 5.41 24.64 -14.41
CA TRP A 273 6.27 24.49 -15.57
C TRP A 273 5.56 24.91 -16.85
N TYR A 274 4.31 24.51 -16.97
CA TYR A 274 3.55 24.81 -18.16
C TYR A 274 3.36 26.33 -18.32
N LYS A 275 4.02 27.14 -17.49
CA LYS A 275 3.93 28.64 -17.61
C LYS A 275 5.24 29.53 -17.47
N TYR A 316 11.88 28.57 -15.56
CA TYR A 316 11.45 27.50 -14.62
C TYR A 316 12.55 26.85 -13.78
N SER A 317 12.41 26.95 -12.45
CA SER A 317 13.35 26.40 -11.48
C SER A 317 12.66 25.33 -10.67
N PRO A 318 13.10 24.07 -10.81
CA PRO A 318 12.38 23.09 -10.05
C PRO A 318 12.46 23.31 -8.54
N GLN A 319 13.58 23.86 -8.02
CA GLN A 319 13.69 24.19 -6.57
C GLN A 319 12.71 25.24 -6.14
N MET A 320 12.49 26.23 -7.01
CA MET A 320 11.49 27.28 -6.78
C MET A 320 10.06 26.79 -6.90
N ALA A 321 9.85 25.76 -7.71
CA ALA A 321 8.50 25.28 -7.98
C ALA A 321 8.02 24.37 -6.84
N LEU A 322 8.95 23.63 -6.23
CA LEU A 322 8.71 22.87 -5.02
C LEU A 322 8.30 23.77 -3.86
N LYS A 323 9.00 24.89 -3.67
CA LYS A 323 8.72 25.84 -2.60
C LYS A 323 7.30 26.37 -2.72
N LEU A 324 6.92 26.79 -3.92
CA LEU A 324 5.55 27.26 -4.23
C LEU A 324 4.51 26.16 -4.00
N ALA A 325 4.83 24.94 -4.46
CA ALA A 325 3.94 23.80 -4.28
C ALA A 325 3.80 23.35 -2.79
N LEU A 326 4.93 23.07 -2.10
CA LEU A 326 4.91 22.82 -0.64
C LEU A 326 4.13 23.87 0.18
N THR A 327 4.51 25.15 0.08
CA THR A 327 3.82 26.25 0.78
C THR A 327 2.27 26.27 0.60
N GLU A 328 1.80 25.79 -0.54
CA GLU A 328 0.39 25.85 -0.79
C GLU A 328 -0.31 24.62 -0.20
N TRP A 329 0.40 23.49 -0.24
CA TRP A 329 -0.08 22.20 0.26
C TRP A 329 -0.30 22.25 1.75
N LEU A 330 0.59 22.98 2.43
CA LEU A 330 0.60 23.11 3.89
C LEU A 330 -0.76 23.51 4.45
N GLN A 331 -1.53 24.26 3.67
CA GLN A 331 -2.84 24.68 4.09
C GLN A 331 -3.91 23.57 4.04
N GLU A 332 -3.57 22.43 3.44
CA GLU A 332 -4.50 21.29 3.35
C GLU A 332 -4.34 20.33 4.51
N PHE A 333 -3.26 20.53 5.28
CA PHE A 333 -2.91 19.74 6.46
C PHE A 333 -3.25 20.56 7.72
N GLY A 334 -4.50 20.55 8.18
CA GLY A 334 -4.81 21.26 9.43
C GLY A 334 -4.80 20.32 10.62
N VAL A 335 -4.99 20.85 11.82
CA VAL A 335 -5.32 19.99 12.98
C VAL A 335 -6.82 19.95 13.18
N PRO A 336 -7.39 18.82 13.65
CA PRO A 336 -8.87 18.78 13.68
C PRO A 336 -9.42 19.73 14.74
N HIS A 337 -10.61 20.26 14.48
CA HIS A 337 -11.34 21.13 15.41
C HIS A 337 -11.71 20.41 16.74
N GLN A 338 -11.48 21.07 17.86
CA GLN A 338 -11.63 20.47 19.20
C GLN A 338 -12.53 21.29 20.14
N TYR A 339 -13.38 20.59 20.91
CA TYR A 339 -14.37 21.24 21.80
C TYR A 339 -14.10 20.89 23.24
N SER A 340 -13.00 20.15 23.44
CA SER A 340 -12.53 19.70 24.73
C SER A 340 -11.04 19.98 24.77
N VAL A 353 1.97 20.27 11.63
CA VAL A 353 2.78 20.02 10.46
C VAL A 353 3.24 21.35 9.94
N THR A 354 4.54 21.51 9.95
CA THR A 354 5.16 22.72 9.56
C THR A 354 5.68 22.59 8.11
N LEU A 355 5.85 23.72 7.40
CA LEU A 355 6.52 23.76 6.10
C LEU A 355 7.81 22.98 6.10
N GLU A 356 8.53 23.03 7.21
CA GLU A 356 9.84 22.37 7.30
C GLU A 356 9.65 20.87 7.30
N ASP A 357 8.47 20.42 7.73
CA ASP A 357 8.13 18.99 7.71
C ASP A 357 7.87 18.45 6.34
N LEU A 358 7.08 19.19 5.56
CA LEU A 358 6.84 18.86 4.13
C LEU A 358 8.15 18.84 3.33
N GLN A 359 9.00 19.82 3.55
CA GLN A 359 10.26 19.84 2.89
C GLN A 359 11.03 18.59 3.16
N LEU A 360 11.03 18.13 4.41
CA LEU A 360 11.70 16.87 4.76
C LEU A 360 11.04 15.65 4.11
N LEU A 361 9.71 15.67 4.04
CA LEU A 361 8.98 14.58 3.46
C LEU A 361 9.33 14.42 1.97
N ALA A 362 9.36 15.56 1.28
CA ALA A 362 9.63 15.59 -0.13
C ALA A 362 11.03 15.09 -0.33
N ASP A 363 11.97 15.50 0.53
CA ASP A 363 13.39 15.16 0.33
C ASP A 363 13.66 13.68 0.56
N LEU A 364 12.79 13.02 1.30
CA LEU A 364 12.93 11.61 1.54
C LEU A 364 12.26 10.79 0.42
N PHE A 365 11.23 11.34 -0.20
CA PHE A 365 10.52 10.68 -1.33
C PHE A 365 10.39 11.70 -2.45
N TYR A 366 11.40 11.71 -3.30
CA TYR A 366 11.66 12.88 -4.10
C TYR A 366 11.43 12.57 -5.57
N LEU A 367 12.47 12.12 -6.28
CA LEU A 367 12.36 11.76 -7.68
C LEU A 367 13.04 10.42 -7.93
N PRO A 368 12.78 9.78 -9.08
CA PRO A 368 13.26 8.42 -9.31
C PRO A 368 14.78 8.23 -9.40
N TYR A 369 15.51 9.28 -9.75
CA TYR A 369 16.94 9.18 -9.99
C TYR A 369 17.70 10.07 -9.04
N GLU A 370 16.96 10.68 -8.14
CA GLU A 370 17.54 11.73 -7.31
C GLU A 370 16.89 11.73 -5.94
N HIS A 371 17.71 11.70 -4.90
CA HIS A 371 17.23 12.03 -3.56
C HIS A 371 17.21 13.55 -3.38
N GLY A 372 16.34 14.06 -2.51
CA GLY A 372 16.24 15.50 -2.25
C GLY A 372 17.35 15.93 -1.29
N PRO A 373 17.66 17.25 -1.22
CA PRO A 373 18.80 17.67 -0.39
C PRO A 373 18.93 16.96 1.00
N LYS A 374 17.91 17.10 1.86
CA LYS A 374 17.96 16.52 3.22
C LYS A 374 18.10 15.00 3.23
N GLY A 375 17.60 14.34 2.19
CA GLY A 375 17.75 12.90 2.05
C GLY A 375 19.21 12.60 1.74
N ALA A 376 19.73 13.30 0.74
CA ALA A 376 21.10 13.13 0.29
C ALA A 376 22.06 13.37 1.44
N GLN A 377 21.74 14.39 2.24
CA GLN A 377 22.61 14.80 3.33
C GLN A 377 22.71 13.73 4.42
N MET A 378 21.55 13.31 4.94
CA MET A 378 21.51 12.32 6.02
C MET A 378 22.19 11.04 5.58
N LEU A 379 22.09 10.76 4.30
CA LEU A 379 22.68 9.57 3.74
C LEU A 379 24.20 9.66 3.80
N ARG A 380 24.74 10.80 3.37
CA ARG A 380 26.17 11.09 3.48
C ARG A 380 26.68 11.08 4.92
N GLU A 381 25.99 11.80 5.82
CA GLU A 381 26.33 11.83 7.25
C GLU A 381 26.40 10.44 7.88
N PHE A 382 25.40 9.61 7.64
CA PHE A 382 25.42 8.26 8.16
C PHE A 382 26.52 7.41 7.50
N GLN A 383 26.88 7.74 6.25
CA GLN A 383 27.92 7.00 5.49
C GLN A 383 29.30 7.27 6.06
N TRP A 384 29.55 8.54 6.38
CA TRP A 384 30.76 8.97 7.03
C TRP A 384 30.90 8.33 8.42
N LEU A 385 29.82 8.34 9.21
CA LEU A 385 29.85 7.79 10.57
C LEU A 385 30.10 6.26 10.60
N ARG A 386 29.44 5.50 9.73
CA ARG A 386 29.68 4.05 9.58
C ARG A 386 31.14 3.80 9.16
N ALA A 387 31.71 4.75 8.43
CA ALA A 387 33.11 4.67 8.00
C ALA A 387 34.01 4.84 9.20
N ASN A 388 33.85 5.96 9.90
CA ASN A 388 34.77 6.35 10.97
C ASN A 388 34.44 5.86 12.37
N SER A 389 34.09 4.59 12.50
CA SER A 389 33.93 3.99 13.82
C SER A 389 35.14 3.12 14.23
N ILE A 404 39.68 15.43 16.58
CA ILE A 404 39.89 14.09 17.09
C ILE A 404 38.50 13.40 17.28
N GLU A 405 37.68 13.96 18.18
CA GLU A 405 36.34 13.44 18.51
C GLU A 405 35.20 14.15 17.77
N GLU A 406 35.54 14.92 16.74
CA GLU A 406 34.59 15.59 15.82
C GLU A 406 33.38 14.73 15.37
N TRP A 407 33.59 13.42 15.33
CA TRP A 407 32.57 12.41 15.06
C TRP A 407 31.38 12.53 16.00
N ARG A 408 31.64 12.67 17.31
CA ARG A 408 30.57 12.80 18.32
C ARG A 408 29.72 14.01 18.07
N SER A 409 30.36 15.11 17.66
CA SER A 409 29.65 16.33 17.34
C SER A 409 28.80 16.27 16.05
N ARG A 410 29.15 15.32 15.18
CA ARG A 410 28.41 15.11 13.93
C ARG A 410 27.46 13.92 14.02
N ALA A 411 27.71 13.07 15.01
CA ALA A 411 26.75 12.09 15.47
C ALA A 411 25.60 12.81 16.19
N ALA A 412 25.95 13.76 17.05
CA ALA A 412 24.97 14.56 17.78
C ALA A 412 24.00 15.30 16.84
N LYS A 413 24.54 15.83 15.74
CA LYS A 413 23.75 16.53 14.73
C LYS A 413 22.91 15.56 13.94
N PHE A 414 23.35 14.31 13.84
CA PHE A 414 22.64 13.32 13.03
C PHE A 414 21.42 12.76 13.77
N GLU A 415 21.58 12.49 15.06
CA GLU A 415 20.46 12.12 15.91
C GLU A 415 19.35 13.16 15.90
N GLU A 416 19.70 14.45 15.85
CA GLU A 416 18.69 15.50 15.74
C GLU A 416 17.95 15.47 14.42
N MET A 417 18.68 15.20 13.34
CA MET A 417 18.12 15.00 12.00
C MET A 417 17.10 13.84 11.98
N CYS A 418 17.51 12.67 12.49
CA CYS A 418 16.62 11.53 12.67
C CYS A 418 15.41 11.96 13.49
N GLY A 419 15.65 12.63 14.61
CA GLY A 419 14.60 13.15 15.45
C GLY A 419 13.54 13.92 14.67
N LEU A 420 13.96 14.70 13.68
CA LEU A 420 13.01 15.38 12.81
C LEU A 420 12.19 14.44 11.91
N VAL A 421 12.70 13.24 11.62
CA VAL A 421 11.88 12.30 10.86
C VAL A 421 10.75 11.78 11.71
N MET A 422 11.04 11.44 12.96
CA MET A 422 10.00 11.02 13.92
C MET A 422 9.00 12.15 14.20
N GLY A 423 9.55 13.34 14.41
CA GLY A 423 8.77 14.56 14.53
C GLY A 423 7.74 14.77 13.45
N MET A 424 8.19 14.62 12.20
CA MET A 424 7.37 14.82 11.02
C MET A 424 6.28 13.75 10.98
N PHE A 425 6.67 12.49 11.21
CA PHE A 425 5.67 11.43 11.30
C PHE A 425 4.56 11.69 12.35
N THR A 426 4.96 12.21 13.51
CA THR A 426 4.03 12.42 14.63
C THR A 426 3.01 13.49 14.27
N ARG A 427 3.46 14.65 13.81
CA ARG A 427 2.56 15.74 13.41
C ARG A 427 1.62 15.38 12.28
N LEU A 428 2.17 14.70 11.28
CA LEU A 428 1.39 14.20 10.19
C LEU A 428 0.25 13.33 10.72
N SER A 429 0.54 12.61 11.80
CA SER A 429 -0.43 11.71 12.42
C SER A 429 -1.63 12.41 13.04
N ASN A 430 -1.46 13.66 13.47
CA ASN A 430 -2.56 14.44 14.02
C ASN A 430 -3.29 15.33 13.05
N CYS A 431 -2.92 15.34 11.76
CA CYS A 431 -3.57 16.31 10.90
C CYS A 431 -5.03 15.94 10.64
N ALA A 432 -5.89 16.95 10.55
CA ALA A 432 -7.31 16.73 10.26
C ALA A 432 -7.59 16.02 8.93
N ASN A 433 -6.70 16.19 7.95
CA ASN A 433 -6.90 15.63 6.61
C ASN A 433 -6.47 14.18 6.53
N ARG A 434 -7.38 13.30 6.94
CA ARG A 434 -7.10 11.88 7.13
C ARG A 434 -6.87 11.15 5.81
N THR A 435 -7.61 11.56 4.78
CA THR A 435 -7.38 11.14 3.40
C THR A 435 -5.87 11.18 3.01
N ILE A 436 -5.24 12.33 3.28
CA ILE A 436 -3.86 12.61 2.92
C ILE A 436 -2.98 11.70 3.72
N LEU A 437 -3.15 11.74 5.03
CA LEU A 437 -2.43 10.86 5.95
C LEU A 437 -2.47 9.41 5.52
N TYR A 438 -3.65 8.89 5.22
CA TYR A 438 -3.78 7.46 4.90
C TYR A 438 -3.01 7.07 3.64
N ASP A 439 -3.20 7.86 2.57
CA ASP A 439 -2.52 7.64 1.28
C ASP A 439 -1.02 7.49 1.43
N MET A 440 -0.46 8.24 2.36
CA MET A 440 0.97 8.23 2.53
C MET A 440 1.49 7.45 3.72
N TYR A 441 0.57 6.88 4.48
CA TYR A 441 0.89 6.30 5.78
C TYR A 441 2.07 5.32 5.75
N SER A 442 1.93 4.26 4.98
CA SER A 442 2.81 3.15 5.10
C SER A 442 4.21 3.58 4.65
N TYR A 443 4.26 4.57 3.76
CA TYR A 443 5.51 5.22 3.35
C TYR A 443 6.18 5.98 4.48
N VAL A 444 5.46 6.93 5.08
CA VAL A 444 5.97 7.72 6.20
C VAL A 444 6.36 6.85 7.40
N TRP A 445 5.59 5.78 7.62
CA TRP A 445 5.87 4.83 8.68
C TRP A 445 7.23 4.17 8.49
N ASP A 446 7.45 3.63 7.29
CA ASP A 446 8.64 2.89 6.95
C ASP A 446 9.85 3.76 7.20
N ILE A 447 9.82 4.99 6.68
CA ILE A 447 10.98 5.86 6.79
C ILE A 447 11.29 6.18 8.23
N LYS A 448 10.23 6.36 9.01
CA LYS A 448 10.33 6.65 10.42
C LYS A 448 10.94 5.46 11.20
N SER A 449 10.46 4.26 10.93
CA SER A 449 10.95 3.02 11.56
C SER A 449 12.42 2.76 11.29
N ILE A 450 12.82 3.02 10.06
CA ILE A 450 14.19 2.79 9.64
C ILE A 450 15.08 3.86 10.25
N MET A 451 14.67 5.12 10.27
CA MET A 451 15.50 6.18 10.88
C MET A 451 15.67 6.00 12.38
N SER A 452 14.67 5.40 13.04
CA SER A 452 14.75 5.10 14.47
C SER A 452 15.84 4.09 14.74
N MET A 453 15.85 3.08 13.88
CA MET A 453 16.85 2.06 13.92
C MET A 453 18.24 2.59 13.53
N VAL A 454 18.30 3.46 12.51
CA VAL A 454 19.58 4.08 12.12
C VAL A 454 20.04 5.01 13.24
N LYS A 455 19.11 5.76 13.86
CA LYS A 455 19.40 6.59 15.06
C LYS A 455 20.06 5.74 16.13
N SER A 456 19.40 4.61 16.36
CA SER A 456 19.81 3.65 17.32
C SER A 456 21.20 3.14 16.96
N PHE A 457 21.34 2.48 15.82
CA PHE A 457 22.56 1.76 15.48
C PHE A 457 23.76 2.69 15.49
N VAL A 458 23.55 3.99 15.26
CA VAL A 458 24.65 4.99 15.38
C VAL A 458 25.14 5.06 16.82
N GLN A 459 24.22 4.97 17.77
CA GLN A 459 24.55 4.89 19.18
C GLN A 459 25.22 3.56 19.61
N TRP A 460 24.92 2.43 18.94
CA TRP A 460 25.62 1.13 19.18
C TRP A 460 27.13 1.38 19.10
N LEU A 461 27.51 2.36 18.27
CA LEU A 461 28.88 2.82 18.12
C LEU A 461 29.31 3.80 19.23
N GLY A 462 28.46 4.79 19.55
CA GLY A 462 28.66 5.72 20.69
C GLY A 462 29.07 5.11 22.03
N CYS A 463 28.16 4.40 22.72
CA CYS A 463 28.42 3.82 24.07
C CYS A 463 29.27 2.54 24.05
N TRP A 479 12.52 -8.45 11.95
CA TRP A 479 13.52 -7.62 11.23
C TRP A 479 14.71 -8.39 10.58
N ALA A 480 14.80 -9.71 10.88
CA ALA A 480 15.65 -10.68 10.14
C ALA A 480 14.85 -11.42 9.04
N PHE A 481 13.52 -11.21 9.05
CA PHE A 481 12.63 -11.59 7.97
C PHE A 481 12.18 -10.33 7.21
N ARG A 482 12.84 -9.19 7.49
CA ARG A 482 12.51 -7.87 6.92
C ARG A 482 12.28 -7.94 5.42
N GLY A 483 11.15 -7.37 4.98
CA GLY A 483 10.72 -7.45 3.58
C GLY A 483 10.04 -8.77 3.18
N GLY A 484 9.94 -9.71 4.13
CA GLY A 484 9.38 -11.03 3.85
C GLY A 484 10.23 -11.72 2.83
N LEU A 485 9.60 -12.66 2.12
CA LEU A 485 10.24 -13.43 1.03
C LEU A 485 10.97 -12.59 -0.05
N ALA A 486 10.26 -11.59 -0.58
CA ALA A 486 10.81 -10.68 -1.58
C ALA A 486 12.13 -10.06 -1.09
N GLY A 487 12.09 -9.43 0.08
CA GLY A 487 13.29 -8.90 0.73
C GLY A 487 14.44 -9.89 0.87
N GLU A 488 14.10 -11.16 1.11
CA GLU A 488 15.10 -12.21 1.28
C GLU A 488 15.75 -12.58 -0.05
N PHE A 489 14.93 -12.83 -1.07
CA PHE A 489 15.44 -13.03 -2.42
C PHE A 489 16.22 -11.79 -2.83
N GLN A 490 15.68 -10.63 -2.53
CA GLN A 490 16.29 -9.39 -2.97
C GLN A 490 17.73 -9.19 -2.49
N ARG A 491 18.04 -9.62 -1.26
CA ARG A 491 19.41 -9.50 -0.69
C ARG A 491 20.45 -10.43 -1.33
N LEU A 492 19.99 -11.39 -2.14
CA LEU A 492 20.86 -12.36 -2.80
C LEU A 492 21.26 -11.98 -4.24
N LEU A 493 20.51 -11.07 -4.86
CA LEU A 493 20.92 -10.50 -6.13
C LEU A 493 21.96 -9.42 -5.87
N PRO A 494 23.19 -9.56 -6.43
CA PRO A 494 24.19 -8.52 -6.16
C PRO A 494 23.82 -7.12 -6.71
N ILE A 495 22.89 -7.08 -7.66
CA ILE A 495 22.58 -5.87 -8.44
C ILE A 495 21.99 -4.68 -7.66
N ASP A 496 21.27 -4.98 -6.58
CA ASP A 496 20.79 -3.93 -5.66
C ASP A 496 22.01 -3.30 -4.96
N GLY A 497 21.82 -2.14 -4.37
CA GLY A 497 22.95 -1.42 -3.76
C GLY A 497 23.92 -0.88 -4.79
N ALA A 498 23.49 -0.87 -6.05
CA ALA A 498 24.17 -0.15 -7.12
C ALA A 498 23.53 1.24 -7.31
N ASN A 499 23.06 1.84 -6.19
CA ASN A 499 22.62 3.24 -6.14
C ASN A 499 22.99 4.02 -4.86
N ASP A 500 23.92 3.48 -4.07
CA ASP A 500 24.25 4.02 -2.75
C ASP A 500 25.43 5.01 -2.77
N THR B 4 7.99 -2.31 -17.05
CA THR B 4 6.63 -1.81 -17.41
C THR B 4 5.86 -2.96 -18.04
N LEU B 5 4.96 -3.56 -17.24
CA LEU B 5 4.37 -4.91 -17.51
C LEU B 5 3.74 -5.10 -18.89
N HIS C 1 -20.06 -17.61 26.18
CA HIS C 1 -19.59 -16.34 26.77
C HIS C 1 -18.07 -16.15 26.53
N PHE C 2 -17.49 -17.09 25.79
CA PHE C 2 -16.08 -17.04 25.34
C PHE C 2 -15.94 -16.25 24.03
N LEU C 3 -15.10 -15.23 24.08
CA LEU C 3 -14.99 -14.23 23.01
C LEU C 3 -13.96 -14.62 21.96
N CYS C 4 -14.43 -14.76 20.74
CA CYS C 4 -13.54 -15.11 19.67
C CYS C 4 -13.89 -14.44 18.37
N GLY C 5 -12.93 -13.69 17.83
CA GLY C 5 -13.06 -13.01 16.55
C GLY C 5 -11.97 -12.02 16.25
N VAL C 6 -12.36 -10.88 15.69
CA VAL C 6 -11.43 -9.90 15.14
C VAL C 6 -11.32 -8.66 16.05
N VAL C 7 -10.11 -8.15 16.18
CA VAL C 7 -9.90 -6.78 16.64
C VAL C 7 -9.30 -5.94 15.50
N GLU C 8 -10.01 -4.89 15.07
CA GLU C 8 -9.43 -3.90 14.14
C GLU C 8 -8.62 -2.94 14.97
N GLY C 9 -7.33 -3.25 15.15
CA GLY C 9 -6.47 -2.56 16.10
C GLY C 9 -5.08 -2.17 15.59
N PHE C 10 -4.90 -2.27 14.27
CA PHE C 10 -3.64 -1.90 13.62
C PHE C 10 -3.42 -0.37 13.49
N TYR C 11 -2.22 0.00 13.06
CA TYR C 11 -1.92 1.33 12.60
C TYR C 11 -2.26 1.47 11.12
N GLY C 12 -2.55 2.67 10.66
CA GLY C 12 -2.85 2.90 9.25
C GLY C 12 -4.30 3.10 8.90
N ARG C 13 -4.56 3.20 7.59
CA ARG C 13 -5.92 3.31 7.06
C ARG C 13 -6.82 2.25 7.70
N PRO C 14 -7.90 2.71 8.38
CA PRO C 14 -8.83 1.76 8.98
C PRO C 14 -9.79 1.28 7.92
N TRP C 15 -10.63 0.31 8.27
CA TRP C 15 -11.66 -0.13 7.33
C TRP C 15 -12.83 0.83 7.34
N VAL C 16 -13.63 0.73 6.31
CA VAL C 16 -14.78 1.57 6.18
C VAL C 16 -15.98 0.72 6.52
N MET C 17 -17.12 1.37 6.75
CA MET C 17 -18.29 0.67 7.24
C MET C 17 -18.70 -0.46 6.31
N GLU C 18 -18.53 -0.25 5.01
CA GLU C 18 -18.86 -1.32 4.06
C GLU C 18 -17.94 -2.55 4.20
N GLN C 19 -16.75 -2.37 4.75
CA GLN C 19 -15.86 -3.52 4.97
C GLN C 19 -16.15 -4.21 6.27
N ARG C 20 -16.62 -3.43 7.24
CA ARG C 20 -16.91 -3.94 8.56
C ARG C 20 -18.24 -4.68 8.64
N LYS C 21 -19.17 -4.33 7.75
CA LYS C 21 -20.40 -5.08 7.55
C LYS C 21 -20.08 -6.43 6.91
N GLU C 22 -19.31 -6.38 5.81
CA GLU C 22 -18.84 -7.58 5.12
C GLU C 22 -17.99 -8.43 6.05
N LEU C 23 -17.38 -7.79 7.07
CA LEU C 23 -16.65 -8.50 8.11
C LEU C 23 -17.56 -9.33 9.03
N PHE C 24 -18.67 -8.74 9.46
CA PHE C 24 -19.62 -9.36 10.36
C PHE C 24 -20.25 -10.61 9.73
N ARG C 25 -20.76 -10.43 8.51
CA ARG C 25 -21.37 -11.53 7.73
C ARG C 25 -20.48 -12.78 7.75
N ARG C 26 -19.18 -12.57 7.48
CA ARG C 26 -18.18 -13.64 7.49
C ARG C 26 -17.97 -14.21 8.90
N LEU C 27 -18.02 -13.36 9.92
CA LEU C 27 -17.73 -13.80 11.28
C LEU C 27 -18.72 -14.87 11.80
N GLN C 28 -20.02 -14.68 11.49
CA GLN C 28 -21.06 -15.62 11.91
C GLN C 28 -21.27 -16.73 10.88
N LYS C 29 -20.96 -16.45 9.62
CA LYS C 29 -20.78 -17.50 8.61
C LYS C 29 -19.83 -18.61 9.10
N TRP C 30 -18.92 -18.27 10.01
CA TRP C 30 -17.90 -19.17 10.54
C TRP C 30 -17.92 -19.20 12.09
N GLU C 31 -18.99 -18.65 12.68
CA GLU C 31 -19.32 -18.84 14.13
C GLU C 31 -18.40 -18.16 15.14
N LEU C 32 -17.84 -17.02 14.76
CA LEU C 32 -17.15 -16.23 15.75
C LEU C 32 -18.13 -15.20 16.25
N ASN C 33 -17.85 -14.62 17.42
CA ASN C 33 -18.85 -13.87 18.18
C ASN C 33 -18.51 -12.43 18.62
N THR C 34 -17.30 -11.96 18.29
CA THR C 34 -16.81 -10.68 18.82
C THR C 34 -16.07 -9.81 17.76
N TYR C 35 -16.11 -8.50 17.97
CA TYR C 35 -15.39 -7.52 17.17
C TYR C 35 -14.94 -6.45 18.13
N LEU C 36 -13.64 -6.18 18.17
CA LEU C 36 -13.15 -5.05 18.96
C LEU C 36 -12.70 -3.90 18.06
N TYR C 37 -13.27 -2.73 18.27
CA TYR C 37 -12.97 -1.53 17.51
C TYR C 37 -11.86 -0.76 18.23
N ALA C 38 -10.65 -0.86 17.70
CA ALA C 38 -9.51 -0.13 18.23
C ALA C 38 -8.52 0.23 17.12
N PRO C 39 -9.00 0.83 15.98
CA PRO C 39 -8.06 1.20 14.92
C PRO C 39 -7.25 2.44 15.36
N LYS C 40 -5.93 2.29 15.41
CA LYS C 40 -5.07 3.24 16.07
C LYS C 40 -5.16 4.61 15.44
N ASP C 41 -5.53 4.66 14.16
CA ASP C 41 -5.45 5.89 13.38
C ASP C 41 -6.80 6.46 12.91
N ASP C 42 -7.88 5.97 13.51
CA ASP C 42 -9.11 6.74 13.58
C ASP C 42 -8.85 7.77 14.66
N TYR C 43 -8.90 9.04 14.27
CA TYR C 43 -8.42 10.11 15.13
C TYR C 43 -9.11 10.11 16.48
N LYS C 44 -10.36 9.64 16.51
CA LYS C 44 -11.18 9.75 17.71
C LYS C 44 -11.05 8.60 18.69
N HIS C 45 -10.60 7.45 18.20
CA HIS C 45 -10.25 6.34 19.03
C HIS C 45 -9.10 6.61 20.01
N ARG C 46 -8.04 7.28 19.56
CA ARG C 46 -6.81 7.44 20.37
C ARG C 46 -6.35 8.84 20.37
N MET C 47 -6.12 9.36 19.18
CA MET C 47 -5.32 10.55 19.00
C MET C 47 -6.01 11.77 19.53
N PHE C 48 -7.33 11.81 19.37
CA PHE C 48 -8.17 12.87 19.94
C PHE C 48 -9.35 12.27 20.67
N TRP C 49 -9.01 11.56 21.74
CA TRP C 49 -9.94 10.72 22.45
C TRP C 49 -11.03 11.48 23.26
N ARG C 50 -10.76 12.71 23.70
CA ARG C 50 -11.78 13.49 24.39
C ARG C 50 -12.93 13.95 23.48
N GLU C 51 -12.79 13.75 22.18
CA GLU C 51 -13.61 14.49 21.26
C GLU C 51 -14.83 13.71 20.86
N MET C 52 -16.00 14.37 20.95
CA MET C 52 -17.30 13.81 20.59
C MET C 52 -17.40 13.54 19.08
N TYR C 53 -18.14 12.49 18.70
CA TYR C 53 -18.39 12.21 17.27
C TYR C 53 -19.25 13.31 16.69
N SER C 54 -18.98 13.64 15.43
CA SER C 54 -19.79 14.65 14.74
C SER C 54 -21.13 14.03 14.37
N VAL C 55 -22.00 14.82 13.77
CA VAL C 55 -23.35 14.35 13.42
C VAL C 55 -23.30 13.29 12.33
N GLU C 56 -22.43 13.48 11.33
CA GLU C 56 -22.31 12.50 10.26
C GLU C 56 -21.59 11.24 10.77
N GLU C 57 -20.68 11.42 11.73
CA GLU C 57 -19.97 10.30 12.38
C GLU C 57 -20.85 9.44 13.30
N ALA C 58 -21.75 10.08 14.07
CA ALA C 58 -22.82 9.42 14.84
C ALA C 58 -23.72 8.50 14.01
N GLU C 59 -24.21 9.03 12.88
CA GLU C 59 -25.05 8.28 11.96
C GLU C 59 -24.34 6.99 11.57
N GLN C 60 -23.08 7.11 11.18
CA GLN C 60 -22.25 6.00 10.72
C GLN C 60 -22.03 4.93 11.78
N LEU C 61 -21.70 5.37 12.99
CA LEU C 61 -21.42 4.47 14.09
C LEU C 61 -22.67 3.71 14.50
N MET C 62 -23.82 4.37 14.43
CA MET C 62 -25.09 3.73 14.77
C MET C 62 -25.46 2.67 13.76
N THR C 63 -25.39 3.00 12.46
CA THR C 63 -25.65 2.04 11.40
C THR C 63 -24.78 0.77 11.55
N LEU C 64 -23.55 0.96 12.04
CA LEU C 64 -22.57 -0.11 12.22
C LEU C 64 -22.96 -1.00 13.40
N ILE C 65 -23.16 -0.37 14.56
CA ILE C 65 -23.57 -1.08 15.77
C ILE C 65 -24.90 -1.83 15.54
N SER C 66 -25.76 -1.25 14.71
CA SER C 66 -26.99 -1.90 14.26
C SER C 66 -26.69 -3.22 13.59
N ALA C 67 -25.96 -3.16 12.47
CA ALA C 67 -25.53 -4.33 11.72
C ALA C 67 -24.83 -5.40 12.57
N ALA C 68 -24.11 -4.97 13.62
CA ALA C 68 -23.53 -5.87 14.63
C ALA C 68 -24.57 -6.77 15.32
N ARG C 69 -25.68 -6.17 15.77
CA ARG C 69 -26.84 -6.92 16.33
C ARG C 69 -27.60 -7.74 15.29
N GLU C 70 -27.94 -7.12 14.15
CA GLU C 70 -28.46 -7.81 12.97
C GLU C 70 -27.68 -9.12 12.63
N TYR C 71 -26.40 -9.21 13.01
CA TYR C 71 -25.60 -10.43 12.84
C TYR C 71 -25.18 -11.11 14.17
N GLU C 72 -25.80 -10.67 15.26
CA GLU C 72 -25.48 -11.17 16.60
C GLU C 72 -23.98 -11.35 16.89
N ILE C 73 -23.17 -10.45 16.34
CA ILE C 73 -21.78 -10.31 16.73
C ILE C 73 -21.71 -9.16 17.72
N GLU C 74 -21.04 -9.43 18.82
CA GLU C 74 -20.88 -8.48 19.88
C GLU C 74 -19.88 -7.42 19.45
N PHE C 75 -20.26 -6.16 19.62
CA PHE C 75 -19.43 -5.02 19.24
C PHE C 75 -18.82 -4.38 20.48
N ILE C 76 -17.50 -4.42 20.60
CA ILE C 76 -16.79 -3.73 21.71
C ILE C 76 -16.17 -2.45 21.16
N TYR C 77 -16.34 -1.36 21.91
CA TYR C 77 -15.81 -0.07 21.55
C TYR C 77 -14.63 0.22 22.45
N ALA C 78 -13.45 0.42 21.86
CA ALA C 78 -12.23 0.78 22.61
C ALA C 78 -11.96 2.28 22.57
N ILE C 79 -11.20 2.76 23.55
CA ILE C 79 -10.67 4.12 23.51
C ILE C 79 -9.28 4.10 24.15
N SER C 80 -8.43 5.07 23.82
CA SER C 80 -7.02 5.02 24.21
C SER C 80 -6.49 6.38 24.64
N PRO C 81 -6.72 6.73 25.93
CA PRO C 81 -6.25 8.01 26.44
C PRO C 81 -4.82 7.92 26.94
N GLY C 82 -4.12 6.84 26.57
CA GLY C 82 -2.80 6.55 27.08
C GLY C 82 -1.79 7.68 27.25
N LEU C 83 -1.51 8.42 26.17
CA LEU C 83 -0.31 9.26 26.11
C LEU C 83 -0.60 10.68 26.51
N ASP C 84 -1.81 10.93 26.97
CA ASP C 84 -2.28 12.29 27.04
C ASP C 84 -2.85 12.66 28.35
N ILE C 85 -3.78 11.82 28.79
CA ILE C 85 -4.66 12.07 29.94
C ILE C 85 -3.92 12.46 31.23
N THR C 86 -4.60 13.22 32.08
CA THR C 86 -4.18 13.38 33.46
C THR C 86 -5.15 12.52 34.28
N PHE C 87 -4.61 11.44 34.86
CA PHE C 87 -5.40 10.45 35.59
C PHE C 87 -6.07 11.08 36.80
N SER C 88 -5.30 11.88 37.56
CA SER C 88 -5.76 12.55 38.79
C SER C 88 -6.69 13.77 38.62
N ASN C 89 -6.84 14.25 37.38
CA ASN C 89 -7.77 15.33 37.10
C ASN C 89 -9.21 14.89 36.76
N PRO C 90 -10.20 15.42 37.49
CA PRO C 90 -11.56 14.89 37.39
C PRO C 90 -12.37 15.40 36.20
N LYS C 91 -11.93 16.51 35.59
CA LYS C 91 -12.54 16.99 34.34
C LYS C 91 -12.15 16.01 33.24
N GLU C 92 -10.87 15.59 33.27
CA GLU C 92 -10.31 14.52 32.42
C GLU C 92 -11.12 13.22 32.45
N VAL C 93 -11.41 12.76 33.67
CA VAL C 93 -12.33 11.61 33.91
C VAL C 93 -13.71 11.91 33.32
N SER C 94 -14.22 13.14 33.53
CA SER C 94 -15.59 13.49 33.06
C SER C 94 -15.74 13.37 31.55
N THR C 95 -14.78 13.98 30.84
CA THR C 95 -14.71 13.94 29.38
C THR C 95 -14.65 12.49 28.88
N LEU C 96 -13.85 11.66 29.57
CA LEU C 96 -13.78 10.23 29.25
C LEU C 96 -15.19 9.58 29.34
N LYS C 97 -15.95 9.93 30.39
CA LYS C 97 -17.27 9.32 30.63
C LYS C 97 -18.28 9.84 29.63
N ARG C 98 -18.21 11.16 29.37
CA ARG C 98 -19.02 11.88 28.36
C ARG C 98 -18.90 11.18 26.98
N LYS C 99 -17.66 10.92 26.59
CA LYS C 99 -17.30 10.18 25.36
C LYS C 99 -17.94 8.78 25.29
N LEU C 100 -17.82 8.01 26.37
CA LEU C 100 -18.37 6.66 26.42
C LEU C 100 -19.90 6.67 26.50
N ASP C 101 -20.44 7.67 27.21
CA ASP C 101 -21.87 7.96 27.20
C ASP C 101 -22.38 8.14 25.78
N GLN C 102 -21.68 8.96 24.99
CA GLN C 102 -22.07 9.20 23.60
C GLN C 102 -22.23 7.91 22.80
N VAL C 103 -21.32 6.95 23.03
CA VAL C 103 -21.32 5.73 22.24
C VAL C 103 -22.34 4.69 22.70
N SER C 104 -22.62 4.64 24.00
CA SER C 104 -23.68 3.75 24.52
C SER C 104 -25.04 4.03 23.87
N GLN C 105 -25.34 5.31 23.62
CA GLN C 105 -26.57 5.66 22.91
C GLN C 105 -26.48 5.46 21.41
N PHE C 106 -25.40 4.84 20.93
CA PHE C 106 -25.36 4.41 19.51
C PHE C 106 -25.90 2.97 19.40
N GLY C 107 -25.91 2.27 20.54
CA GLY C 107 -26.43 0.91 20.65
C GLY C 107 -25.43 -0.03 21.32
N CYS C 108 -24.40 0.57 21.92
CA CYS C 108 -23.21 -0.16 22.29
C CYS C 108 -23.16 -0.52 23.77
N ARG C 109 -22.98 -1.82 24.04
CA ARG C 109 -22.96 -2.35 25.41
C ARG C 109 -21.58 -2.72 25.94
N SER C 110 -20.72 -3.21 25.06
CA SER C 110 -19.36 -3.69 25.39
C SER C 110 -18.25 -2.64 25.20
N PHE C 111 -17.35 -2.55 26.17
CA PHE C 111 -16.42 -1.43 26.20
C PHE C 111 -15.03 -1.92 26.53
N ALA C 112 -14.02 -1.07 26.29
CA ALA C 112 -12.61 -1.42 26.56
C ALA C 112 -11.75 -0.18 26.68
N LEU C 113 -10.85 -0.18 27.67
CA LEU C 113 -9.77 0.80 27.72
C LEU C 113 -8.44 0.16 27.35
N LEU C 114 -7.72 0.80 26.42
CA LEU C 114 -6.41 0.33 25.99
C LEU C 114 -5.30 1.27 26.48
N PHE C 115 -4.29 0.70 27.13
CA PHE C 115 -3.13 1.48 27.60
C PHE C 115 -1.84 0.90 27.06
N ASP C 116 -1.95 0.19 25.93
CA ASP C 116 -0.83 -0.20 25.10
C ASP C 116 -0.09 0.98 24.51
N ASN C 117 1.24 0.84 24.51
CA ASN C 117 2.15 1.72 23.77
C ASN C 117 2.14 3.19 24.21
N ILE C 118 2.63 3.41 25.41
CA ILE C 118 2.76 4.75 26.00
C ILE C 118 3.93 4.82 26.98
N ASP C 119 4.37 6.05 27.30
CA ASP C 119 5.49 6.35 28.22
C ASP C 119 5.26 5.86 29.67
N HIS C 120 6.27 5.21 30.27
CA HIS C 120 6.14 4.45 31.54
C HIS C 120 5.97 5.25 32.87
N ASN C 121 5.83 6.58 32.79
CA ASN C 121 5.68 7.41 33.99
C ASN C 121 4.84 8.65 33.75
N MET C 122 4.22 9.18 34.81
CA MET C 122 3.21 10.25 34.70
C MET C 122 3.74 11.67 34.96
N CYS C 123 2.86 12.66 34.79
CA CYS C 123 3.17 14.08 35.01
C CYS C 123 3.33 14.43 36.49
N ALA C 124 3.91 15.59 36.75
CA ALA C 124 4.13 16.12 38.10
C ALA C 124 2.87 16.04 38.97
N ALA C 125 1.72 16.43 38.42
CA ALA C 125 0.44 16.36 39.10
C ALA C 125 0.10 14.93 39.58
N ASP C 126 0.31 13.94 38.70
CA ASP C 126 -0.07 12.53 38.96
C ASP C 126 0.76 11.81 40.02
N LYS C 127 2.03 12.20 40.15
CA LYS C 127 2.98 11.62 41.12
C LYS C 127 2.46 11.62 42.55
N GLU C 128 1.43 12.44 42.82
CA GLU C 128 0.87 12.64 44.17
C GLU C 128 -0.34 11.76 44.49
N VAL C 129 -1.43 11.92 43.74
CA VAL C 129 -2.70 11.18 43.96
C VAL C 129 -2.54 9.65 43.93
N PHE C 130 -1.54 9.17 43.18
CA PHE C 130 -1.30 7.73 42.98
C PHE C 130 0.14 7.38 43.26
N SER C 131 0.35 6.26 43.96
CA SER C 131 1.73 5.87 44.29
C SER C 131 2.54 5.43 43.06
N SER C 132 1.94 4.60 42.19
CA SER C 132 2.62 4.14 40.96
C SER C 132 1.78 4.27 39.68
N PHE C 133 2.45 4.12 38.54
CA PHE C 133 1.84 4.14 37.19
C PHE C 133 0.65 3.19 37.06
N ALA C 134 0.87 1.94 37.49
CA ALA C 134 -0.15 0.90 37.48
C ALA C 134 -1.37 1.26 38.33
N HIS C 135 -1.13 2.05 39.37
CA HIS C 135 -2.19 2.45 40.30
C HIS C 135 -3.15 3.39 39.60
N ALA C 136 -2.59 4.27 38.77
CA ALA C 136 -3.36 5.33 38.14
C ALA C 136 -4.37 4.81 37.13
N GLN C 137 -3.92 3.92 36.25
CA GLN C 137 -4.79 3.26 35.27
C GLN C 137 -5.97 2.50 35.87
N VAL C 138 -5.73 1.67 36.88
CA VAL C 138 -6.83 0.91 37.49
C VAL C 138 -7.94 1.83 38.07
N SER C 139 -7.51 2.92 38.70
CA SER C 139 -8.44 3.88 39.33
C SER C 139 -9.53 4.28 38.38
N ILE C 140 -9.13 4.73 37.19
CA ILE C 140 -10.07 5.20 36.16
C ILE C 140 -10.80 4.06 35.48
N THR C 141 -10.10 2.94 35.27
CA THR C 141 -10.72 1.75 34.65
C THR C 141 -11.93 1.28 35.46
N ASN C 142 -11.73 1.24 36.78
CA ASN C 142 -12.75 0.79 37.71
C ASN C 142 -13.85 1.82 37.88
N GLU C 143 -13.45 3.07 38.16
CA GLU C 143 -14.36 4.24 38.15
C GLU C 143 -15.27 4.21 36.92
N ILE C 144 -14.67 3.93 35.76
CA ILE C 144 -15.40 3.79 34.49
C ILE C 144 -16.26 2.51 34.51
N TYR C 145 -15.67 1.37 34.90
CA TYR C 145 -16.36 0.06 34.82
C TYR C 145 -17.75 0.19 35.44
N GLN C 146 -17.75 0.67 36.69
CA GLN C 146 -18.93 0.86 37.50
C GLN C 146 -19.94 1.85 36.91
N TYR C 147 -19.45 3.03 36.48
CA TYR C 147 -20.25 4.10 35.81
C TYR C 147 -21.22 3.56 34.74
N LEU C 148 -20.76 2.58 33.99
CA LEU C 148 -21.56 1.98 32.94
C LEU C 148 -22.51 0.90 33.51
N GLY C 149 -22.56 0.83 34.84
CA GLY C 149 -23.31 -0.20 35.54
C GLY C 149 -22.64 -1.56 35.44
N GLU C 150 -21.30 -1.56 35.35
CA GLU C 150 -20.47 -2.78 35.28
C GLU C 150 -20.93 -3.69 34.12
N PRO C 151 -20.65 -3.29 32.86
CA PRO C 151 -21.32 -3.96 31.72
C PRO C 151 -20.86 -5.40 31.42
N GLU C 152 -21.57 -6.01 30.45
CA GLU C 152 -21.43 -7.42 30.02
C GLU C 152 -19.98 -7.89 29.90
N THR C 153 -19.21 -7.13 29.12
CA THR C 153 -17.82 -7.42 28.84
C THR C 153 -17.07 -6.10 28.67
N PHE C 154 -15.93 -6.04 29.33
CA PHE C 154 -15.20 -4.82 29.44
C PHE C 154 -13.72 -5.17 29.58
N LEU C 155 -12.97 -4.87 28.52
CA LEU C 155 -11.55 -5.26 28.42
C LEU C 155 -10.57 -4.16 28.83
N PHE C 156 -9.40 -4.59 29.30
CA PHE C 156 -8.33 -3.70 29.70
C PHE C 156 -7.03 -4.20 29.07
N CYS C 157 -6.41 -3.37 28.25
CA CYS C 157 -5.14 -3.69 27.68
C CYS C 157 -4.04 -2.97 28.45
N PRO C 158 -3.09 -3.73 29.06
CA PRO C 158 -2.08 -3.07 29.91
C PRO C 158 -0.96 -2.48 29.10
N THR C 159 -0.18 -1.61 29.72
CA THR C 159 1.06 -1.12 29.15
C THR C 159 2.02 -2.28 28.95
N GLU C 160 2.25 -3.06 30.00
CA GLU C 160 2.99 -4.31 29.89
C GLU C 160 2.04 -5.38 29.37
N TYR C 161 1.83 -5.43 28.07
CA TYR C 161 0.82 -6.30 27.48
C TYR C 161 1.32 -7.60 26.87
N CYS C 162 2.60 -7.90 27.05
CA CYS C 162 3.20 -9.17 26.57
C CYS C 162 4.51 -9.43 27.29
N GLY C 163 4.98 -10.67 27.21
CA GLY C 163 6.13 -11.12 27.99
C GLY C 163 7.31 -10.19 27.94
N THR C 164 7.75 -9.85 26.73
CA THR C 164 8.95 -9.00 26.59
C THR C 164 8.75 -7.57 27.10
N PHE C 165 7.48 -7.20 27.24
CA PHE C 165 7.14 -5.86 27.65
C PHE C 165 6.89 -5.79 29.16
N CYS C 166 7.33 -6.82 29.90
CA CYS C 166 7.18 -6.86 31.37
C CYS C 166 8.53 -6.65 32.07
N TYR C 167 8.58 -5.65 32.97
CA TYR C 167 9.82 -5.21 33.65
C TYR C 167 9.82 -5.52 35.16
N PRO C 168 10.87 -6.17 35.71
CA PRO C 168 12.03 -6.73 34.97
C PRO C 168 11.72 -7.98 34.15
N ASN C 169 11.01 -8.93 34.76
CA ASN C 169 10.47 -10.07 34.05
C ASN C 169 8.97 -10.20 34.30
N VAL C 170 8.38 -11.21 33.64
CA VAL C 170 6.92 -11.43 33.54
C VAL C 170 6.19 -11.68 34.87
N SER C 171 6.73 -12.54 35.74
CA SER C 171 6.06 -12.80 37.03
C SER C 171 6.60 -11.98 38.22
N GLN C 172 7.72 -11.25 38.02
CA GLN C 172 8.33 -10.38 39.07
C GLN C 172 8.04 -8.85 38.93
N SER C 173 6.92 -8.53 38.27
CA SER C 173 6.58 -7.15 37.88
C SER C 173 5.70 -6.44 38.91
N PRO C 174 6.18 -5.31 39.50
CA PRO C 174 5.27 -4.46 40.32
C PRO C 174 4.03 -3.99 39.54
N TYR C 175 4.23 -3.63 38.28
CA TYR C 175 3.13 -3.23 37.38
C TYR C 175 2.05 -4.31 37.38
N LEU C 176 2.36 -5.47 36.83
CA LEU C 176 1.37 -6.54 36.69
C LEU C 176 0.93 -7.12 38.02
N ARG C 177 1.82 -7.04 39.01
CA ARG C 177 1.47 -7.45 40.37
C ARG C 177 0.38 -6.51 40.94
N THR C 178 0.46 -5.21 40.63
CA THR C 178 -0.61 -4.27 40.99
C THR C 178 -1.96 -4.58 40.31
N VAL C 179 -1.93 -4.75 39.00
CA VAL C 179 -3.10 -4.98 38.17
C VAL C 179 -3.94 -6.17 38.65
N GLY C 180 -3.31 -7.35 38.74
CA GLY C 180 -3.98 -8.54 39.25
C GLY C 180 -4.76 -8.26 40.51
N GLU C 181 -4.08 -7.60 41.47
CA GLU C 181 -4.57 -7.34 42.83
C GLU C 181 -5.60 -6.22 42.96
N LYS C 182 -5.36 -5.10 42.27
CA LYS C 182 -6.22 -3.93 42.43
C LYS C 182 -7.15 -3.58 41.24
N LEU C 183 -7.45 -4.57 40.39
CA LEU C 183 -8.35 -4.37 39.25
C LEU C 183 -9.55 -5.29 39.37
N LEU C 184 -10.75 -4.74 39.16
CA LEU C 184 -11.98 -5.48 39.45
C LEU C 184 -12.09 -6.77 38.66
N PRO C 185 -12.59 -7.85 39.30
CA PRO C 185 -12.68 -9.14 38.61
C PRO C 185 -13.73 -9.20 37.52
N GLY C 186 -14.64 -8.22 37.48
CA GLY C 186 -15.58 -8.10 36.36
C GLY C 186 -14.98 -7.56 35.06
N ILE C 187 -13.67 -7.25 35.09
CA ILE C 187 -12.87 -6.66 33.99
C ILE C 187 -11.84 -7.64 33.39
N GLU C 188 -11.82 -7.75 32.05
CA GLU C 188 -10.85 -8.57 31.33
C GLU C 188 -9.51 -7.93 31.07
N VAL C 189 -8.50 -8.77 30.91
CA VAL C 189 -7.17 -8.30 30.57
C VAL C 189 -6.73 -8.92 29.24
N LEU C 190 -6.27 -8.04 28.35
CA LEU C 190 -5.71 -8.39 27.06
C LEU C 190 -4.22 -8.69 27.21
N TRP C 191 -3.73 -9.68 26.46
CA TRP C 191 -2.33 -10.15 26.51
C TRP C 191 -2.03 -10.61 25.08
N THR C 192 -0.80 -10.36 24.60
CA THR C 192 -0.46 -10.75 23.20
C THR C 192 0.45 -11.98 23.04
N GLY C 193 0.79 -12.59 24.18
CA GLY C 193 1.73 -13.70 24.25
C GLY C 193 3.07 -13.30 24.85
N PRO C 194 4.11 -14.13 24.61
CA PRO C 194 5.42 -13.77 25.13
C PRO C 194 5.96 -12.49 24.50
N LYS C 195 5.79 -12.32 23.17
CA LYS C 195 6.16 -11.07 22.46
C LYS C 195 4.91 -10.29 21.96
N VAL C 196 5.13 -9.13 21.33
CA VAL C 196 4.10 -8.40 20.55
C VAL C 196 3.54 -9.27 19.40
N VAL C 197 4.44 -9.79 18.55
CA VAL C 197 4.09 -10.80 17.52
C VAL C 197 4.65 -12.15 17.97
N SER C 198 3.76 -13.09 18.28
CA SER C 198 4.19 -14.31 18.93
C SER C 198 4.15 -15.43 17.92
N LYS C 199 5.32 -16.00 17.67
CA LYS C 199 5.50 -17.20 16.82
C LYS C 199 4.67 -18.34 17.37
N GLU C 200 4.55 -18.37 18.70
CA GLU C 200 3.86 -19.41 19.42
C GLU C 200 3.55 -18.96 20.83
N ILE C 201 2.43 -19.46 21.36
CA ILE C 201 2.01 -19.21 22.74
C ILE C 201 1.91 -20.57 23.49
N PRO C 202 2.96 -20.91 24.28
CA PRO C 202 2.94 -22.17 25.01
C PRO C 202 1.92 -22.17 26.14
N VAL C 203 1.30 -23.33 26.36
CA VAL C 203 0.30 -23.49 27.44
C VAL C 203 0.83 -23.04 28.79
N GLU C 204 2.13 -23.23 28.98
CA GLU C 204 2.84 -22.85 30.19
C GLU C 204 2.80 -21.33 30.41
N SER C 205 3.09 -20.58 29.34
CA SER C 205 3.20 -19.09 29.38
C SER C 205 1.90 -18.39 29.83
N ILE C 206 0.76 -19.00 29.49
CA ILE C 206 -0.54 -18.50 29.96
C ILE C 206 -0.79 -18.78 31.43
N GLU C 207 -0.47 -19.99 31.89
CA GLU C 207 -0.57 -20.32 33.31
C GLU C 207 0.23 -19.31 34.13
N GLU C 208 1.47 -19.06 33.69
CA GLU C 208 2.38 -18.08 34.31
C GLU C 208 1.81 -16.64 34.35
N VAL C 209 1.24 -16.20 33.23
CA VAL C 209 0.64 -14.86 33.16
C VAL C 209 -0.69 -14.80 33.91
N SER C 210 -1.44 -15.89 33.88
CA SER C 210 -2.73 -15.96 34.53
C SER C 210 -2.60 -15.76 36.06
N LYS C 211 -1.49 -16.19 36.63
CA LYS C 211 -1.30 -16.12 38.09
C LYS C 211 -0.96 -14.73 38.62
N ILE C 212 -0.18 -13.97 37.84
CA ILE C 212 0.14 -12.58 38.17
C ILE C 212 -1.03 -11.66 37.81
N ILE C 213 -1.83 -12.07 36.83
CA ILE C 213 -3.01 -11.31 36.37
C ILE C 213 -4.27 -11.64 37.17
N LYS C 214 -4.23 -12.80 37.84
CA LYS C 214 -5.34 -13.30 38.66
C LYS C 214 -6.64 -13.49 37.83
N ARG C 215 -6.50 -13.65 36.51
CA ARG C 215 -7.59 -14.13 35.61
C ARG C 215 -7.08 -14.98 34.44
N ALA C 216 -8.01 -15.54 33.67
CA ALA C 216 -7.75 -16.06 32.31
C ALA C 216 -7.80 -14.89 31.32
N PRO C 217 -6.67 -14.58 30.65
CA PRO C 217 -6.62 -13.41 29.78
C PRO C 217 -7.19 -13.64 28.38
N VAL C 218 -7.67 -12.56 27.76
CA VAL C 218 -8.08 -12.55 26.34
C VAL C 218 -6.88 -12.17 25.49
N ILE C 219 -6.56 -13.02 24.52
CA ILE C 219 -5.43 -12.73 23.63
C ILE C 219 -5.83 -11.74 22.52
N TRP C 220 -5.10 -10.62 22.50
CA TRP C 220 -4.92 -9.76 21.34
C TRP C 220 -3.85 -10.46 20.48
N ASP C 221 -4.26 -11.09 19.41
CA ASP C 221 -3.33 -11.88 18.62
C ASP C 221 -2.83 -11.18 17.34
N ASN C 222 -1.50 -10.91 17.35
CA ASN C 222 -0.76 -10.26 16.25
C ASN C 222 -0.11 -11.19 15.17
N ILE C 223 -0.57 -12.43 15.12
CA ILE C 223 -0.03 -13.45 14.23
C ILE C 223 -0.16 -13.06 12.75
N HIS C 224 -1.20 -12.31 12.38
CA HIS C 224 -1.35 -11.92 10.97
C HIS C 224 -1.26 -10.41 10.70
N ALA C 225 -0.82 -9.64 11.69
CA ALA C 225 -0.77 -8.21 11.52
C ALA C 225 0.38 -7.89 10.58
N ASN C 226 0.15 -6.96 9.66
CA ASN C 226 1.16 -6.56 8.68
C ASN C 226 1.54 -5.07 8.69
N ASP C 227 0.96 -4.30 9.61
CA ASP C 227 1.18 -2.85 9.71
C ASP C 227 2.65 -2.38 10.00
N TYR C 228 3.53 -3.30 10.40
CA TYR C 228 4.92 -2.97 10.81
C TYR C 228 6.00 -3.24 9.72
N ASP C 229 5.56 -3.47 8.50
CA ASP C 229 6.48 -3.83 7.41
C ASP C 229 5.74 -3.74 6.10
N GLN C 230 6.04 -2.68 5.39
CA GLN C 230 5.42 -2.34 4.11
C GLN C 230 5.38 -3.52 3.09
N LYS C 231 6.46 -4.28 2.99
CA LYS C 231 6.52 -5.35 2.01
C LYS C 231 5.76 -6.62 2.44
N ARG C 232 5.27 -6.66 3.68
CA ARG C 232 4.82 -7.93 4.28
C ARG C 232 3.32 -8.11 4.37
N LEU C 233 2.88 -9.32 4.08
CA LEU C 233 1.51 -9.79 4.07
C LEU C 233 1.50 -11.26 4.48
N PHE C 234 0.41 -11.64 5.13
CA PHE C 234 0.29 -12.90 5.86
C PHE C 234 -1.01 -13.65 5.58
N LEU C 235 -0.92 -14.70 4.80
CA LEU C 235 -2.08 -15.50 4.39
C LEU C 235 -1.94 -16.95 4.85
N GLY C 236 -1.23 -17.16 5.95
CA GLY C 236 -0.94 -18.51 6.43
C GLY C 236 -2.02 -18.93 7.41
N PRO C 237 -1.99 -20.22 7.84
CA PRO C 237 -3.00 -20.67 8.81
C PRO C 237 -2.69 -20.13 10.19
N TYR C 238 -3.74 -20.08 11.01
CA TYR C 238 -3.57 -19.86 12.42
C TYR C 238 -2.69 -21.03 12.91
N LYS C 239 -1.56 -20.71 13.54
CA LYS C 239 -0.52 -21.69 13.83
C LYS C 239 0.30 -21.27 15.03
N GLY C 240 0.73 -22.27 15.82
CA GLY C 240 1.56 -22.03 17.02
C GLY C 240 0.72 -21.73 18.25
N ARG C 241 -0.57 -21.98 18.11
CA ARG C 241 -1.51 -21.85 19.22
C ARG C 241 -2.14 -23.22 19.47
N SER C 242 -1.89 -23.78 20.66
CA SER C 242 -2.45 -25.09 21.06
C SER C 242 -3.95 -24.98 21.40
N THR C 243 -4.73 -25.93 20.89
CA THR C 243 -6.17 -26.05 21.18
C THR C 243 -6.40 -26.22 22.68
N GLU C 244 -5.36 -26.75 23.34
CA GLU C 244 -5.19 -26.85 24.79
C GLU C 244 -5.39 -25.51 25.49
N LEU C 245 -5.42 -24.44 24.70
CA LEU C 245 -5.45 -23.10 25.25
C LEU C 245 -6.87 -22.61 25.49
N ILE C 246 -7.82 -23.06 24.65
CA ILE C 246 -9.23 -22.66 24.81
C ILE C 246 -9.75 -22.76 26.26
N PRO C 247 -9.49 -23.90 26.97
CA PRO C 247 -9.88 -23.96 28.40
C PRO C 247 -9.29 -22.88 29.30
N ARG C 248 -8.12 -22.34 28.97
CA ARG C 248 -7.40 -21.38 29.83
C ARG C 248 -7.49 -19.88 29.47
N LEU C 249 -8.29 -19.51 28.46
CA LEU C 249 -8.39 -18.11 27.97
C LEU C 249 -9.81 -17.66 27.92
N LYS C 250 -10.09 -16.38 28.23
CA LYS C 250 -11.46 -15.84 28.06
C LYS C 250 -11.83 -15.52 26.60
N GLY C 251 -10.80 -15.50 25.75
CA GLY C 251 -10.96 -15.37 24.31
C GLY C 251 -9.69 -15.15 23.50
N VAL C 252 -9.85 -15.20 22.18
CA VAL C 252 -8.82 -14.67 21.30
C VAL C 252 -9.44 -13.78 20.23
N LEU C 253 -8.87 -12.59 20.14
CA LEU C 253 -9.20 -11.60 19.12
C LEU C 253 -8.00 -11.41 18.21
N THR C 254 -8.21 -11.69 16.93
CA THR C 254 -7.15 -11.58 15.96
C THR C 254 -7.04 -10.16 15.37
N ASN C 255 -5.84 -9.57 15.47
CA ASN C 255 -5.46 -8.30 14.83
C ASN C 255 -4.79 -8.57 13.47
N PRO C 256 -5.55 -8.47 12.36
CA PRO C 256 -5.06 -9.01 11.10
C PRO C 256 -4.45 -8.00 10.12
N ASN C 257 -4.23 -8.43 8.88
CA ASN C 257 -3.70 -7.58 7.82
C ASN C 257 -4.52 -6.31 7.67
N CYS C 258 -3.86 -5.18 7.42
CA CYS C 258 -4.55 -3.91 7.14
C CYS C 258 -5.46 -4.03 5.92
N GLU C 259 -5.02 -4.76 4.91
CA GLU C 259 -5.78 -4.94 3.71
C GLU C 259 -6.88 -5.97 4.04
N PHE C 260 -8.14 -5.51 4.04
CA PHE C 260 -9.28 -6.29 4.54
C PHE C 260 -9.51 -7.66 3.86
N GLU C 261 -9.42 -7.66 2.55
CA GLU C 261 -9.75 -8.85 1.80
C GLU C 261 -8.70 -9.95 1.99
N ALA C 262 -7.47 -9.58 2.35
CA ALA C 262 -6.37 -10.51 2.63
C ALA C 262 -6.57 -11.40 3.86
N ASN C 263 -7.53 -11.01 4.68
CA ASN C 263 -7.74 -11.62 5.94
C ASN C 263 -8.67 -12.82 5.91
N TYR C 264 -8.91 -13.35 4.72
CA TYR C 264 -9.81 -14.48 4.57
C TYR C 264 -9.25 -15.71 5.31
N VAL C 265 -8.04 -16.11 4.94
CA VAL C 265 -7.40 -17.27 5.54
C VAL C 265 -7.18 -17.03 7.02
N ALA C 266 -6.77 -15.81 7.39
CA ALA C 266 -6.52 -15.46 8.80
C ALA C 266 -7.70 -15.78 9.73
N ILE C 267 -8.91 -15.40 9.29
CA ILE C 267 -10.13 -15.42 10.12
C ILE C 267 -10.81 -16.80 10.08
N HIS C 268 -10.89 -17.37 8.87
CA HIS C 268 -11.37 -18.74 8.65
C HIS C 268 -10.58 -19.77 9.50
N THR C 269 -9.26 -19.83 9.35
CA THR C 269 -8.44 -20.84 10.04
C THR C 269 -8.49 -20.67 11.56
N LEU C 270 -8.66 -19.41 11.98
CA LEU C 270 -8.98 -19.12 13.37
C LEU C 270 -10.35 -19.69 13.73
N ALA C 271 -11.33 -19.54 12.84
CA ALA C 271 -12.69 -20.08 13.06
C ALA C 271 -12.66 -21.59 13.32
N THR C 272 -12.00 -22.36 12.45
CA THR C 272 -11.90 -23.82 12.61
C THR C 272 -11.15 -24.24 13.90
N TRP C 273 -10.08 -23.53 14.23
CA TRP C 273 -9.32 -23.81 15.42
C TRP C 273 -10.17 -23.69 16.66
N TYR C 274 -11.07 -22.71 16.68
CA TYR C 274 -11.98 -22.50 17.83
C TYR C 274 -13.12 -23.50 17.85
N LYS C 275 -13.60 -23.86 16.66
CA LYS C 275 -14.59 -24.92 16.46
C LYS C 275 -14.06 -26.28 16.95
N SER C 276 -12.73 -26.42 16.91
CA SER C 276 -12.05 -27.63 17.35
C SER C 276 -12.19 -27.90 18.85
N ASN C 277 -12.06 -26.86 19.68
CA ASN C 277 -11.99 -27.10 21.12
C ASN C 277 -12.95 -26.20 21.94
N MET C 278 -14.17 -26.04 21.43
CA MET C 278 -15.23 -25.31 22.15
C MET C 278 -16.28 -26.30 22.65
N LEU C 315 -7.77 -32.08 18.90
CA LEU C 315 -6.82 -31.10 18.36
C LEU C 315 -7.14 -30.63 16.90
N TYR C 316 -6.18 -29.94 16.26
CA TYR C 316 -6.36 -29.21 14.98
C TYR C 316 -5.06 -29.16 14.19
N SER C 317 -5.16 -29.24 12.85
CA SER C 317 -3.98 -29.26 11.94
C SER C 317 -3.92 -28.05 10.96
N PRO C 318 -2.90 -27.17 11.11
CA PRO C 318 -2.73 -26.01 10.23
C PRO C 318 -2.73 -26.35 8.73
N GLN C 319 -1.94 -27.36 8.34
CA GLN C 319 -1.78 -27.71 6.92
C GLN C 319 -3.12 -28.05 6.24
N MET C 320 -4.09 -28.53 7.03
CA MET C 320 -5.40 -28.84 6.46
C MET C 320 -6.38 -27.68 6.51
N ALA C 321 -6.33 -26.87 7.58
CA ALA C 321 -7.21 -25.68 7.74
C ALA C 321 -7.07 -24.74 6.56
N LEU C 322 -5.81 -24.54 6.20
CA LEU C 322 -5.37 -23.83 5.02
C LEU C 322 -5.98 -24.45 3.75
N LYS C 323 -5.94 -25.77 3.65
CA LYS C 323 -6.56 -26.48 2.51
C LYS C 323 -8.06 -26.14 2.44
N LEU C 324 -8.73 -26.06 3.60
CA LEU C 324 -10.16 -25.73 3.68
C LEU C 324 -10.44 -24.26 3.34
N ALA C 325 -9.72 -23.38 4.02
CA ALA C 325 -9.82 -21.94 3.79
C ALA C 325 -9.52 -21.57 2.32
N LEU C 326 -8.48 -22.18 1.72
CA LEU C 326 -8.07 -21.83 0.36
C LEU C 326 -9.06 -22.25 -0.72
N THR C 327 -9.67 -23.44 -0.58
CA THR C 327 -10.65 -23.95 -1.58
C THR C 327 -11.90 -23.09 -1.56
N GLU C 328 -12.30 -22.73 -0.34
CA GLU C 328 -13.47 -21.90 -0.09
C GLU C 328 -13.25 -20.44 -0.52
N TRP C 329 -12.08 -19.91 -0.21
CA TRP C 329 -11.69 -18.60 -0.71
C TRP C 329 -11.77 -18.57 -2.21
N LEU C 330 -11.26 -19.62 -2.87
CA LEU C 330 -11.21 -19.74 -4.33
C LEU C 330 -12.59 -19.52 -4.95
N GLN C 331 -13.65 -19.81 -4.18
CA GLN C 331 -15.04 -19.54 -4.58
C GLN C 331 -15.20 -18.09 -4.97
N GLU C 332 -14.69 -17.20 -4.12
CA GLU C 332 -14.97 -15.76 -4.19
C GLU C 332 -14.43 -15.00 -5.42
N PHE C 333 -13.50 -15.61 -6.18
CA PHE C 333 -12.74 -14.91 -7.23
C PHE C 333 -13.49 -14.57 -8.53
N SER C 352 -8.78 -18.24 -15.52
CA SER C 352 -8.82 -17.63 -14.20
C SER C 352 -7.96 -18.44 -13.22
N VAL C 353 -7.97 -18.00 -11.95
CA VAL C 353 -7.07 -18.50 -10.91
C VAL C 353 -7.47 -19.90 -10.40
N THR C 354 -6.45 -20.72 -10.13
CA THR C 354 -6.61 -22.10 -9.66
C THR C 354 -6.37 -22.22 -8.14
N LEU C 355 -6.65 -23.38 -7.57
CA LEU C 355 -6.30 -23.61 -6.17
C LEU C 355 -4.78 -23.60 -6.00
N GLU C 356 -4.10 -24.09 -7.03
CA GLU C 356 -2.64 -24.21 -7.10
C GLU C 356 -2.00 -22.83 -7.02
N ASP C 357 -2.67 -21.86 -7.64
CA ASP C 357 -2.26 -20.46 -7.63
C ASP C 357 -2.33 -19.86 -6.23
N LEU C 358 -3.41 -20.15 -5.54
CA LEU C 358 -3.59 -19.65 -4.20
C LEU C 358 -2.64 -20.39 -3.30
N GLN C 359 -2.43 -21.67 -3.59
CA GLN C 359 -1.47 -22.48 -2.84
C GLN C 359 -0.11 -21.81 -2.82
N LEU C 360 0.34 -21.39 -4.00
CA LEU C 360 1.61 -20.67 -4.19
C LEU C 360 1.55 -19.31 -3.51
N LEU C 361 0.42 -18.61 -3.69
CA LEU C 361 0.23 -17.26 -3.16
C LEU C 361 0.38 -17.18 -1.65
N ALA C 362 -0.24 -18.11 -0.91
CA ALA C 362 -0.17 -18.09 0.55
C ALA C 362 1.20 -18.53 1.03
N ASP C 363 1.90 -19.28 0.17
CA ASP C 363 3.23 -19.80 0.51
C ASP C 363 4.30 -18.72 0.45
N LEU C 364 4.07 -17.76 -0.43
CA LEU C 364 4.95 -16.61 -0.61
C LEU C 364 4.70 -15.54 0.47
N PHE C 365 3.47 -15.51 0.98
CA PHE C 365 3.06 -14.57 2.02
C PHE C 365 2.39 -15.41 3.07
N TYR C 366 3.20 -16.09 3.88
CA TYR C 366 2.73 -17.10 4.84
C TYR C 366 2.58 -16.56 6.27
N LEU C 367 3.68 -16.48 7.02
CA LEU C 367 3.61 -16.20 8.45
C LEU C 367 4.81 -15.45 8.92
N PRO C 368 4.68 -14.64 9.98
CA PRO C 368 5.80 -13.74 10.29
C PRO C 368 7.16 -14.40 10.59
N TYR C 369 7.21 -15.73 10.74
CA TYR C 369 8.47 -16.47 11.01
C TYR C 369 8.59 -17.73 10.17
N GLU C 370 7.93 -17.74 9.02
CA GLU C 370 7.79 -18.95 8.25
C GLU C 370 7.25 -18.59 6.89
N HIS C 371 8.00 -18.94 5.86
CA HIS C 371 7.48 -19.01 4.51
C HIS C 371 6.78 -20.37 4.32
N GLY C 372 6.01 -20.47 3.25
CA GLY C 372 5.26 -21.67 2.95
C GLY C 372 6.07 -22.66 2.16
N PRO C 373 5.71 -23.96 2.25
CA PRO C 373 6.38 -25.03 1.53
C PRO C 373 6.94 -24.64 0.14
N LYS C 374 6.09 -24.22 -0.81
CA LYS C 374 6.55 -23.89 -2.18
C LYS C 374 7.54 -22.71 -2.24
N GLY C 375 7.61 -21.92 -1.16
CA GLY C 375 8.35 -20.67 -1.13
C GLY C 375 9.68 -20.87 -0.45
N ALA C 376 9.66 -21.64 0.65
CA ALA C 376 10.91 -22.10 1.27
C ALA C 376 11.78 -22.87 0.26
N GLN C 377 11.15 -23.79 -0.49
CA GLN C 377 11.81 -24.58 -1.55
C GLN C 377 12.43 -23.67 -2.63
N MET C 378 11.63 -22.77 -3.18
CA MET C 378 12.12 -21.77 -4.13
C MET C 378 13.31 -21.00 -3.57
N LEU C 379 13.40 -20.83 -2.24
CA LEU C 379 14.49 -20.09 -1.64
C LEU C 379 15.75 -20.95 -1.58
N ARG C 380 15.71 -22.06 -0.85
CA ARG C 380 16.88 -22.97 -0.77
C ARG C 380 17.43 -23.34 -2.16
N GLU C 381 16.52 -23.45 -3.13
CA GLU C 381 16.87 -23.77 -4.52
C GLU C 381 17.72 -22.68 -5.14
N PHE C 382 17.28 -21.44 -5.03
CA PHE C 382 18.04 -20.34 -5.57
C PHE C 382 19.33 -20.14 -4.79
N GLN C 383 19.31 -20.53 -3.51
CA GLN C 383 20.49 -20.49 -2.64
C GLN C 383 21.59 -21.48 -3.06
N TRP C 384 21.19 -22.72 -3.32
CA TRP C 384 22.07 -23.75 -3.88
C TRP C 384 22.62 -23.32 -5.26
N LEU C 385 21.72 -22.91 -6.14
CA LEU C 385 22.09 -22.53 -7.52
C LEU C 385 23.12 -21.44 -7.58
N ARG C 386 23.00 -20.45 -6.69
CA ARG C 386 23.96 -19.39 -6.73
C ARG C 386 25.30 -19.78 -6.10
N ALA C 387 25.27 -20.68 -5.11
CA ALA C 387 26.49 -21.22 -4.51
C ALA C 387 27.28 -22.06 -5.50
N ASN C 388 26.73 -23.20 -5.88
CA ASN C 388 27.39 -24.09 -6.81
C ASN C 388 27.32 -23.38 -8.16
N SER C 389 28.45 -22.81 -8.58
CA SER C 389 28.56 -22.12 -9.87
C SER C 389 29.76 -22.67 -10.65
N SER C 390 29.61 -23.96 -10.97
CA SER C 390 30.52 -24.75 -11.79
C SER C 390 30.71 -24.12 -13.16
N VAL C 391 29.65 -24.17 -13.96
CA VAL C 391 29.66 -23.56 -15.29
C VAL C 391 29.90 -22.05 -15.24
N GLU C 405 27.42 -30.72 -12.87
CA GLU C 405 26.68 -31.65 -13.73
C GLU C 405 25.17 -31.28 -13.81
N GLU C 406 24.44 -31.71 -12.77
CA GLU C 406 22.99 -31.49 -12.54
C GLU C 406 22.52 -30.04 -12.44
N TRP C 407 23.45 -29.11 -12.23
CA TRP C 407 23.15 -27.68 -12.02
C TRP C 407 22.20 -27.10 -13.06
N ARG C 408 22.44 -27.41 -14.33
CA ARG C 408 21.57 -26.97 -15.43
C ARG C 408 20.16 -27.54 -15.25
N SER C 409 20.10 -28.82 -14.87
CA SER C 409 18.83 -29.49 -14.63
C SER C 409 17.97 -28.69 -13.66
N ARG C 410 18.59 -28.13 -12.63
CA ARG C 410 17.87 -27.47 -11.56
C ARG C 410 17.56 -25.99 -11.86
N ALA C 411 18.37 -25.38 -12.72
CA ALA C 411 18.11 -24.03 -13.23
C ALA C 411 16.78 -24.00 -13.98
N ALA C 412 16.63 -24.95 -14.91
CA ALA C 412 15.44 -25.06 -15.74
C ALA C 412 14.18 -25.29 -14.90
N LYS C 413 14.32 -26.15 -13.88
CA LYS C 413 13.25 -26.51 -12.92
C LYS C 413 12.85 -25.32 -12.05
N PHE C 414 13.85 -24.52 -11.70
CA PHE C 414 13.61 -23.29 -10.97
C PHE C 414 12.97 -22.21 -11.86
N GLU C 415 13.49 -22.07 -13.08
CA GLU C 415 12.99 -21.10 -14.03
C GLU C 415 11.53 -21.32 -14.30
N GLU C 416 11.12 -22.59 -14.33
CA GLU C 416 9.71 -22.96 -14.45
C GLU C 416 8.94 -22.56 -13.20
N MET C 417 9.51 -22.83 -12.04
CA MET C 417 8.84 -22.48 -10.82
C MET C 417 8.61 -20.98 -10.73
N CYS C 418 9.54 -20.21 -11.29
CA CYS C 418 9.35 -18.76 -11.45
C CYS C 418 8.15 -18.44 -12.33
N GLY C 419 8.10 -18.99 -13.54
CA GLY C 419 6.98 -18.79 -14.48
C GLY C 419 5.60 -19.06 -13.91
N LEU C 420 5.53 -19.88 -12.86
CA LEU C 420 4.30 -20.16 -12.15
C LEU C 420 3.84 -18.98 -11.31
N VAL C 421 4.79 -18.22 -10.78
CA VAL C 421 4.49 -16.99 -10.05
C VAL C 421 3.91 -15.94 -11.03
N MET C 422 4.61 -15.75 -12.15
CA MET C 422 4.14 -14.95 -13.28
C MET C 422 2.75 -15.43 -13.68
N GLY C 423 2.52 -16.74 -13.72
CA GLY C 423 1.20 -17.34 -14.00
C GLY C 423 0.11 -16.94 -13.01
N MET C 424 0.41 -17.16 -11.73
CA MET C 424 -0.47 -16.82 -10.61
C MET C 424 -0.82 -15.33 -10.60
N PHE C 425 0.17 -14.49 -10.88
CA PHE C 425 -0.07 -13.05 -11.05
C PHE C 425 -1.02 -12.74 -12.22
N THR C 426 -0.82 -13.35 -13.37
CA THR C 426 -1.68 -13.09 -14.55
C THR C 426 -3.15 -13.46 -14.30
N ARG C 427 -3.40 -14.70 -13.93
CA ARG C 427 -4.75 -15.15 -13.70
C ARG C 427 -5.38 -14.38 -12.55
N LEU C 428 -4.59 -13.99 -11.54
CA LEU C 428 -5.11 -13.12 -10.50
C LEU C 428 -5.57 -11.77 -11.03
N SER C 429 -4.87 -11.18 -12.00
CA SER C 429 -5.24 -9.88 -12.53
C SER C 429 -6.44 -10.00 -13.49
N ASN C 430 -6.51 -11.12 -14.16
CA ASN C 430 -7.64 -11.36 -15.05
C ASN C 430 -8.91 -11.80 -14.32
N CYS C 431 -8.87 -11.84 -12.99
CA CYS C 431 -9.98 -12.38 -12.18
C CYS C 431 -11.21 -11.48 -12.08
N ALA C 432 -12.30 -12.05 -11.60
CA ALA C 432 -13.57 -11.33 -11.49
C ALA C 432 -13.65 -10.37 -10.32
N ASN C 433 -13.12 -10.78 -9.16
CA ASN C 433 -13.38 -10.08 -7.90
C ASN C 433 -12.38 -8.95 -7.68
N ARG C 434 -12.82 -7.75 -8.01
CA ARG C 434 -11.92 -6.63 -8.12
C ARG C 434 -11.45 -6.07 -6.76
N THR C 435 -12.34 -6.12 -5.75
CA THR C 435 -11.97 -5.75 -4.37
C THR C 435 -10.78 -6.59 -3.90
N ILE C 436 -10.84 -7.92 -4.09
CA ILE C 436 -9.75 -8.84 -3.69
C ILE C 436 -8.43 -8.50 -4.40
N LEU C 437 -8.49 -8.33 -5.71
CA LEU C 437 -7.30 -7.97 -6.50
C LEU C 437 -6.57 -6.77 -5.89
N TYR C 438 -7.34 -5.73 -5.58
CA TYR C 438 -6.82 -4.44 -5.20
C TYR C 438 -6.17 -4.45 -3.84
N ASP C 439 -6.84 -5.05 -2.86
CA ASP C 439 -6.28 -5.14 -1.52
C ASP C 439 -4.89 -5.80 -1.58
N MET C 440 -4.62 -6.54 -2.66
CA MET C 440 -3.43 -7.38 -2.71
C MET C 440 -2.51 -7.07 -3.85
N TYR C 441 -2.86 -6.06 -4.63
CA TYR C 441 -2.20 -5.86 -5.90
C TYR C 441 -0.72 -5.61 -5.73
N SER C 442 -0.37 -4.58 -4.97
CA SER C 442 1.02 -4.19 -4.84
C SER C 442 1.86 -5.36 -4.24
N TYR C 443 1.22 -6.18 -3.40
CA TYR C 443 1.92 -7.27 -2.73
C TYR C 443 2.30 -8.33 -3.78
N VAL C 444 1.38 -8.56 -4.71
CA VAL C 444 1.68 -9.59 -5.71
C VAL C 444 2.55 -9.04 -6.81
N TRP C 445 2.36 -7.78 -7.20
CA TRP C 445 3.20 -7.21 -8.25
C TRP C 445 4.69 -7.27 -7.81
N ASP C 446 4.94 -6.95 -6.53
CA ASP C 446 6.28 -6.98 -5.99
C ASP C 446 6.90 -8.37 -6.16
N ILE C 447 6.22 -9.43 -5.70
CA ILE C 447 6.76 -10.78 -5.77
C ILE C 447 7.03 -11.26 -7.20
N LYS C 448 6.09 -10.99 -8.11
CA LYS C 448 6.21 -11.25 -9.55
C LYS C 448 7.47 -10.62 -10.13
N SER C 449 7.73 -9.36 -9.77
CA SER C 449 8.86 -8.60 -10.34
C SER C 449 10.22 -9.06 -9.85
N ILE C 450 10.33 -9.32 -8.55
CA ILE C 450 11.53 -9.92 -7.98
C ILE C 450 11.76 -11.32 -8.59
N MET C 451 10.71 -12.15 -8.71
CA MET C 451 10.89 -13.47 -9.35
C MET C 451 11.32 -13.35 -10.82
N SER C 452 10.92 -12.26 -11.49
CA SER C 452 11.36 -12.00 -12.86
C SER C 452 12.86 -11.73 -12.93
N MET C 453 13.36 -10.88 -12.02
CA MET C 453 14.78 -10.59 -11.88
C MET C 453 15.53 -11.84 -11.47
N VAL C 454 14.93 -12.62 -10.57
CA VAL C 454 15.57 -13.85 -10.10
C VAL C 454 15.64 -14.95 -11.20
N LYS C 455 14.55 -15.14 -11.95
CA LYS C 455 14.58 -15.95 -13.18
C LYS C 455 15.67 -15.41 -14.12
N SER C 456 15.62 -14.10 -14.34
CA SER C 456 16.54 -13.42 -15.24
C SER C 456 17.99 -13.66 -14.81
N PHE C 457 18.23 -13.59 -13.50
CA PHE C 457 19.58 -13.73 -12.95
C PHE C 457 20.11 -15.13 -13.08
N VAL C 458 19.24 -16.13 -12.88
CA VAL C 458 19.62 -17.53 -13.08
C VAL C 458 19.87 -17.76 -14.57
N GLN C 459 18.98 -17.22 -15.42
CA GLN C 459 19.20 -17.19 -16.86
C GLN C 459 20.59 -16.68 -17.18
N TRP C 460 20.95 -15.50 -16.67
CA TRP C 460 22.31 -14.95 -16.83
C TRP C 460 23.42 -15.91 -16.39
N LEU C 461 23.20 -16.62 -15.29
CA LEU C 461 24.26 -17.46 -14.72
C LEU C 461 24.55 -18.73 -15.52
N GLY C 462 23.53 -19.23 -16.23
CA GLY C 462 23.67 -20.35 -17.16
C GLY C 462 24.29 -19.96 -18.50
N CYS C 463 23.74 -18.90 -19.11
CA CYS C 463 24.23 -18.35 -20.36
C CYS C 463 25.48 -17.47 -20.09
N ARG C 464 26.50 -18.05 -19.46
CA ARG C 464 27.76 -17.35 -19.08
C ARG C 464 29.07 -18.11 -19.38
N SER C 465 28.98 -19.44 -19.50
CA SER C 465 30.07 -20.24 -20.07
C SER C 465 30.21 -19.96 -21.56
N HIS C 466 29.24 -19.21 -22.11
CA HIS C 466 29.21 -18.84 -23.50
C HIS C 466 29.05 -17.33 -23.71
N SER C 467 29.27 -16.58 -22.65
CA SER C 467 29.28 -15.12 -22.72
C SER C 467 30.06 -14.48 -21.57
N SER C 468 30.43 -13.23 -21.80
CA SER C 468 31.08 -12.42 -20.80
C SER C 468 30.26 -11.16 -20.45
N ALA C 469 29.13 -10.97 -21.16
CA ALA C 469 28.23 -9.85 -20.92
C ALA C 469 27.87 -9.84 -19.44
N GLN C 470 28.39 -8.83 -18.74
CA GLN C 470 28.13 -8.60 -17.31
C GLN C 470 26.68 -8.13 -17.10
N PHE C 471 26.10 -8.49 -15.96
CA PHE C 471 24.76 -8.09 -15.59
C PHE C 471 24.52 -6.58 -15.72
N GLN C 476 19.67 2.20 -17.64
CA GLN C 476 18.93 1.39 -16.67
C GLN C 476 17.67 2.02 -16.02
N GLU C 477 16.51 1.46 -16.38
CA GLU C 477 15.21 1.83 -15.80
C GLU C 477 15.25 1.74 -14.26
N PRO C 478 14.40 2.53 -13.55
CA PRO C 478 14.50 2.63 -12.09
C PRO C 478 14.17 1.38 -11.29
N TRP C 479 13.26 0.55 -11.78
CA TRP C 479 12.83 -0.63 -11.03
C TRP C 479 13.86 -1.78 -11.05
N ALA C 480 15.13 -1.46 -11.29
CA ALA C 480 16.22 -2.46 -11.26
C ALA C 480 16.95 -2.38 -9.92
N PHE C 481 17.05 -1.15 -9.41
CA PHE C 481 17.59 -0.85 -8.10
C PHE C 481 16.39 -0.33 -7.28
N ARG C 482 16.20 -0.86 -6.08
CA ARG C 482 14.89 -0.70 -5.44
C ARG C 482 14.81 -0.19 -4.02
N GLY C 483 13.63 0.29 -3.68
CA GLY C 483 13.26 0.58 -2.30
C GLY C 483 13.47 2.00 -1.88
N GLY C 484 13.94 2.84 -2.80
CA GLY C 484 14.27 4.25 -2.54
C GLY C 484 15.22 4.47 -1.37
N LEU C 485 15.10 5.65 -0.75
CA LEU C 485 15.95 6.06 0.35
C LEU C 485 15.94 5.07 1.54
N ALA C 486 14.75 4.60 1.90
CA ALA C 486 14.58 3.61 2.94
C ALA C 486 15.48 2.42 2.66
N GLY C 487 15.39 1.90 1.44
CA GLY C 487 16.23 0.77 0.98
C GLY C 487 17.72 1.02 1.11
N GLU C 488 18.13 2.27 0.90
CA GLU C 488 19.53 2.61 0.95
C GLU C 488 20.09 2.60 2.35
N PHE C 489 19.33 3.18 3.28
CA PHE C 489 19.67 3.16 4.69
C PHE C 489 19.67 1.70 5.16
N GLN C 490 18.63 0.95 4.80
CA GLN C 490 18.51 -0.44 5.21
C GLN C 490 19.72 -1.28 4.86
N ARG C 491 20.31 -1.03 3.67
CA ARG C 491 21.43 -1.85 3.17
C ARG C 491 22.75 -1.57 3.86
N LEU C 492 22.81 -0.47 4.60
CA LEU C 492 23.97 -0.04 5.36
C LEU C 492 23.89 -0.50 6.82
N LEU C 493 22.91 -1.32 7.14
CA LEU C 493 22.78 -1.88 8.47
C LEU C 493 23.30 -3.32 8.54
N PRO C 494 24.12 -3.63 9.58
CA PRO C 494 24.61 -5.00 9.80
C PRO C 494 23.63 -5.86 10.61
N THR D 4 5.78 -1.67 16.92
CA THR D 4 4.50 -1.13 17.50
C THR D 4 4.70 0.45 17.59
N LEU D 5 4.54 1.18 18.71
CA LEU D 5 4.66 2.68 18.67
C LEU D 5 4.74 3.39 20.02
N SER D 6 5.26 4.62 20.05
CA SER D 6 5.12 5.61 21.13
C SER D 6 4.94 7.00 20.44
N PRO D 7 4.78 8.12 21.21
CA PRO D 7 5.05 9.39 20.51
C PRO D 7 6.46 9.91 20.82
#